data_1CDZ
# 
_entry.id   1CDZ 
# 
_audit_conform.dict_name       mmcif_pdbx.dic 
_audit_conform.dict_version    5.383 
_audit_conform.dict_location   http://mmcif.pdb.org/dictionaries/ascii/mmcif_pdbx.dic 
# 
loop_
_database_2.database_id 
_database_2.database_code 
_database_2.pdbx_database_accession 
_database_2.pdbx_DOI 
PDB   1CDZ         pdb_00001cdz 10.2210/pdb1cdz/pdb 
RCSB  RCSB000592   ?            ?                   
WWPDB D_1000000592 ?            ?                   
# 
loop_
_pdbx_audit_revision_history.ordinal 
_pdbx_audit_revision_history.data_content_type 
_pdbx_audit_revision_history.major_revision 
_pdbx_audit_revision_history.minor_revision 
_pdbx_audit_revision_history.revision_date 
1 'Structure model' 1 0 2000-02-28 
2 'Structure model' 1 1 2008-04-26 
3 'Structure model' 1 2 2011-07-13 
4 'Structure model' 1 3 2023-12-27 
# 
_pdbx_audit_revision_details.ordinal             1 
_pdbx_audit_revision_details.revision_ordinal    1 
_pdbx_audit_revision_details.data_content_type   'Structure model' 
_pdbx_audit_revision_details.provider            repository 
_pdbx_audit_revision_details.type                'Initial release' 
_pdbx_audit_revision_details.description         ? 
_pdbx_audit_revision_details.details             ? 
# 
loop_
_pdbx_audit_revision_group.ordinal 
_pdbx_audit_revision_group.revision_ordinal 
_pdbx_audit_revision_group.data_content_type 
_pdbx_audit_revision_group.group 
1 2 'Structure model' 'Version format compliance' 
2 3 'Structure model' 'Version format compliance' 
3 4 'Structure model' 'Data collection'           
4 4 'Structure model' 'Database references'       
# 
loop_
_pdbx_audit_revision_category.ordinal 
_pdbx_audit_revision_category.revision_ordinal 
_pdbx_audit_revision_category.data_content_type 
_pdbx_audit_revision_category.category 
1 4 'Structure model' chem_comp_atom 
2 4 'Structure model' chem_comp_bond 
3 4 'Structure model' database_2     
# 
loop_
_pdbx_audit_revision_item.ordinal 
_pdbx_audit_revision_item.revision_ordinal 
_pdbx_audit_revision_item.data_content_type 
_pdbx_audit_revision_item.item 
1 4 'Structure model' '_database_2.pdbx_DOI'                
2 4 'Structure model' '_database_2.pdbx_database_accession' 
# 
_pdbx_database_status.status_code                     REL 
_pdbx_database_status.entry_id                        1CDZ 
_pdbx_database_status.recvd_initial_deposition_date   1999-03-04 
_pdbx_database_status.deposit_site                    PDBE 
_pdbx_database_status.process_site                    RCSB 
_pdbx_database_status.SG_entry                        . 
_pdbx_database_status.pdb_format_compatible           Y 
_pdbx_database_status.status_code_mr                  ? 
_pdbx_database_status.status_code_sf                  ? 
_pdbx_database_status.status_code_cs                  ? 
_pdbx_database_status.status_code_nmr_data            ? 
_pdbx_database_status.methods_development_category    ? 
# 
loop_
_audit_author.name 
_audit_author.pdbx_ordinal 
'Zhang, X.'      1  
'Morera, S.'     2  
'Bates, P.'      3  
'Whitehead, P.'  4  
'Coffer, A.'     5  
'Hainbucher, K.' 6  
'Nash, R.'       7  
'Sternberg, M.'  8  
'Lindahl, T.'    9  
'Freemont, P.'   10 
# 
_citation.id                        primary 
_citation.title                     'Structure of an XRCC1 BRCT domain: a new protein-protein interaction module.' 
_citation.journal_abbrev            'EMBO J.' 
_citation.journal_volume            17 
_citation.page_first                6404 
_citation.page_last                 6411 
_citation.year                      1998 
_citation.journal_id_ASTM           EMJODG 
_citation.country                   UK 
_citation.journal_id_ISSN           0261-4189 
_citation.journal_id_CSD            0897 
_citation.book_publisher            ? 
_citation.pdbx_database_id_PubMed   9799248 
_citation.pdbx_database_id_DOI      10.1093/emboj/17.21.6404 
# 
loop_
_citation_author.citation_id 
_citation_author.name 
_citation_author.ordinal 
_citation_author.identifier_ORCID 
primary 'Zhang, X.'       1  ? 
primary 'Morera, S.'      2  ? 
primary 'Bates, P.A.'     3  ? 
primary 'Whitehead, P.C.' 4  ? 
primary 'Coffer, A.I.'    5  ? 
primary 'Hainbucher, K.'  6  ? 
primary 'Nash, R.A.'      7  ? 
primary 'Sternberg, M.J.' 8  ? 
primary 'Lindahl, T.'     9  ? 
primary 'Freemont, P.S.'  10 ? 
# 
_entity.id                         1 
_entity.type                       polymer 
_entity.src_method                 man 
_entity.pdbx_description           'PROTEIN (DNA-REPAIR PROTEIN XRCC1)' 
_entity.formula_weight             11419.856 
_entity.pdbx_number_of_molecules   1 
_entity.pdbx_ec                    ? 
_entity.pdbx_mutation              ? 
_entity.pdbx_fragment              'C-TERMINAL BRCT DOMAIN' 
_entity.details                    ? 
# 
_entity_poly.entity_id                      1 
_entity_poly.type                           'polypeptide(L)' 
_entity_poly.nstd_linkage                   no 
_entity_poly.nstd_monomer                   no 
_entity_poly.pdbx_seq_one_letter_code       
;ELPDFFQGKHFFLYGEFPGDERRKLIRYVTAFNGELEDYMSDRVQFVITAQEWDPSFEEALMDNPSLAFVRPRWIYSCNE
KQKLLPHQLYGVVPQA
;
_entity_poly.pdbx_seq_one_letter_code_can   
;ELPDFFQGKHFFLYGEFPGDERRKLIRYVTAFNGELEDYMSDRVQFVITAQEWDPSFEEALMDNPSLAFVRPRWIYSCNE
KQKLLPHQLYGVVPQA
;
_entity_poly.pdbx_strand_id                 A 
_entity_poly.pdbx_target_identifier         ? 
# 
loop_
_entity_poly_seq.entity_id 
_entity_poly_seq.num 
_entity_poly_seq.mon_id 
_entity_poly_seq.hetero 
1 1  GLU n 
1 2  LEU n 
1 3  PRO n 
1 4  ASP n 
1 5  PHE n 
1 6  PHE n 
1 7  GLN n 
1 8  GLY n 
1 9  LYS n 
1 10 HIS n 
1 11 PHE n 
1 12 PHE n 
1 13 LEU n 
1 14 TYR n 
1 15 GLY n 
1 16 GLU n 
1 17 PHE n 
1 18 PRO n 
1 19 GLY n 
1 20 ASP n 
1 21 GLU n 
1 22 ARG n 
1 23 ARG n 
1 24 LYS n 
1 25 LEU n 
1 26 ILE n 
1 27 ARG n 
1 28 TYR n 
1 29 VAL n 
1 30 THR n 
1 31 ALA n 
1 32 PHE n 
1 33 ASN n 
1 34 GLY n 
1 35 GLU n 
1 36 LEU n 
1 37 GLU n 
1 38 ASP n 
1 39 TYR n 
1 40 MET n 
1 41 SER n 
1 42 ASP n 
1 43 ARG n 
1 44 VAL n 
1 45 GLN n 
1 46 PHE n 
1 47 VAL n 
1 48 ILE n 
1 49 THR n 
1 50 ALA n 
1 51 GLN n 
1 52 GLU n 
1 53 TRP n 
1 54 ASP n 
1 55 PRO n 
1 56 SER n 
1 57 PHE n 
1 58 GLU n 
1 59 GLU n 
1 60 ALA n 
1 61 LEU n 
1 62 MET n 
1 63 ASP n 
1 64 ASN n 
1 65 PRO n 
1 66 SER n 
1 67 LEU n 
1 68 ALA n 
1 69 PHE n 
1 70 VAL n 
1 71 ARG n 
1 72 PRO n 
1 73 ARG n 
1 74 TRP n 
1 75 ILE n 
1 76 TYR n 
1 77 SER n 
1 78 CYS n 
1 79 ASN n 
1 80 GLU n 
1 81 LYS n 
1 82 GLN n 
1 83 LYS n 
1 84 LEU n 
1 85 LEU n 
1 86 PRO n 
1 87 HIS n 
1 88 GLN n 
1 89 LEU n 
1 90 TYR n 
1 91 GLY n 
1 92 VAL n 
1 93 VAL n 
1 94 PRO n 
1 95 GLN n 
1 96 ALA n 
# 
_entity_src_gen.entity_id                          1 
_entity_src_gen.pdbx_src_id                        1 
_entity_src_gen.pdbx_alt_source_flag               sample 
_entity_src_gen.pdbx_seq_type                      ? 
_entity_src_gen.pdbx_beg_seq_num                   ? 
_entity_src_gen.pdbx_end_seq_num                   ? 
_entity_src_gen.gene_src_common_name               human 
_entity_src_gen.gene_src_genus                     Homo 
_entity_src_gen.pdbx_gene_src_gene                 ? 
_entity_src_gen.gene_src_species                   ? 
_entity_src_gen.gene_src_strain                    ? 
_entity_src_gen.gene_src_tissue                    ? 
_entity_src_gen.gene_src_tissue_fraction           ? 
_entity_src_gen.gene_src_details                   ? 
_entity_src_gen.pdbx_gene_src_fragment             ? 
_entity_src_gen.pdbx_gene_src_scientific_name      'Homo sapiens' 
_entity_src_gen.pdbx_gene_src_ncbi_taxonomy_id     9606 
_entity_src_gen.pdbx_gene_src_variant              ? 
_entity_src_gen.pdbx_gene_src_cell_line            ? 
_entity_src_gen.pdbx_gene_src_atcc                 ? 
_entity_src_gen.pdbx_gene_src_organ                ? 
_entity_src_gen.pdbx_gene_src_organelle            ? 
_entity_src_gen.pdbx_gene_src_cell                 ? 
_entity_src_gen.pdbx_gene_src_cellular_location    ? 
_entity_src_gen.host_org_common_name               ? 
_entity_src_gen.pdbx_host_org_scientific_name      'Escherichia coli' 
_entity_src_gen.pdbx_host_org_ncbi_taxonomy_id     562 
_entity_src_gen.host_org_genus                     Escherichia 
_entity_src_gen.pdbx_host_org_gene                 ? 
_entity_src_gen.pdbx_host_org_organ                ? 
_entity_src_gen.host_org_species                   ? 
_entity_src_gen.pdbx_host_org_tissue               ? 
_entity_src_gen.pdbx_host_org_tissue_fraction      ? 
_entity_src_gen.pdbx_host_org_strain               B834 
_entity_src_gen.pdbx_host_org_variant              ? 
_entity_src_gen.pdbx_host_org_cell_line            ? 
_entity_src_gen.pdbx_host_org_atcc                 ? 
_entity_src_gen.pdbx_host_org_culture_collection   ? 
_entity_src_gen.pdbx_host_org_cell                 ? 
_entity_src_gen.pdbx_host_org_organelle            ? 
_entity_src_gen.pdbx_host_org_cellular_location    ? 
_entity_src_gen.pdbx_host_org_vector_type          ? 
_entity_src_gen.pdbx_host_org_vector               ? 
_entity_src_gen.host_org_details                   ? 
_entity_src_gen.expression_system_id               ? 
_entity_src_gen.plasmid_name                       ? 
_entity_src_gen.plasmid_details                    ? 
_entity_src_gen.pdbx_description                   ? 
# 
loop_
_chem_comp.id 
_chem_comp.type 
_chem_comp.mon_nstd_flag 
_chem_comp.name 
_chem_comp.pdbx_synonyms 
_chem_comp.formula 
_chem_comp.formula_weight 
ALA 'L-peptide linking' y ALANINE         ? 'C3 H7 N O2'     89.093  
ARG 'L-peptide linking' y ARGININE        ? 'C6 H15 N4 O2 1' 175.209 
ASN 'L-peptide linking' y ASPARAGINE      ? 'C4 H8 N2 O3'    132.118 
ASP 'L-peptide linking' y 'ASPARTIC ACID' ? 'C4 H7 N O4'     133.103 
CYS 'L-peptide linking' y CYSTEINE        ? 'C3 H7 N O2 S'   121.158 
GLN 'L-peptide linking' y GLUTAMINE       ? 'C5 H10 N2 O3'   146.144 
GLU 'L-peptide linking' y 'GLUTAMIC ACID' ? 'C5 H9 N O4'     147.129 
GLY 'peptide linking'   y GLYCINE         ? 'C2 H5 N O2'     75.067  
HIS 'L-peptide linking' y HISTIDINE       ? 'C6 H10 N3 O2 1' 156.162 
ILE 'L-peptide linking' y ISOLEUCINE      ? 'C6 H13 N O2'    131.173 
LEU 'L-peptide linking' y LEUCINE         ? 'C6 H13 N O2'    131.173 
LYS 'L-peptide linking' y LYSINE          ? 'C6 H15 N2 O2 1' 147.195 
MET 'L-peptide linking' y METHIONINE      ? 'C5 H11 N O2 S'  149.211 
PHE 'L-peptide linking' y PHENYLALANINE   ? 'C9 H11 N O2'    165.189 
PRO 'L-peptide linking' y PROLINE         ? 'C5 H9 N O2'     115.130 
SER 'L-peptide linking' y SERINE          ? 'C3 H7 N O3'     105.093 
THR 'L-peptide linking' y THREONINE       ? 'C4 H9 N O3'     119.119 
TRP 'L-peptide linking' y TRYPTOPHAN      ? 'C11 H12 N2 O2'  204.225 
TYR 'L-peptide linking' y TYROSINE        ? 'C9 H11 N O3'    181.189 
VAL 'L-peptide linking' y VALINE          ? 'C5 H11 N O2'    117.146 
# 
loop_
_pdbx_poly_seq_scheme.asym_id 
_pdbx_poly_seq_scheme.entity_id 
_pdbx_poly_seq_scheme.seq_id 
_pdbx_poly_seq_scheme.mon_id 
_pdbx_poly_seq_scheme.ndb_seq_num 
_pdbx_poly_seq_scheme.pdb_seq_num 
_pdbx_poly_seq_scheme.auth_seq_num 
_pdbx_poly_seq_scheme.pdb_mon_id 
_pdbx_poly_seq_scheme.auth_mon_id 
_pdbx_poly_seq_scheme.pdb_strand_id 
_pdbx_poly_seq_scheme.pdb_ins_code 
_pdbx_poly_seq_scheme.hetero 
A 1 1  GLU 1  1  1  GLU GLU A . n 
A 1 2  LEU 2  2  2  LEU LEU A . n 
A 1 3  PRO 3  3  3  PRO PRO A . n 
A 1 4  ASP 4  4  4  ASP ASP A . n 
A 1 5  PHE 5  5  5  PHE PHE A . n 
A 1 6  PHE 6  6  6  PHE PHE A . n 
A 1 7  GLN 7  7  7  GLN GLN A . n 
A 1 8  GLY 8  8  8  GLY GLY A . n 
A 1 9  LYS 9  9  9  LYS LYS A . n 
A 1 10 HIS 10 10 10 HIS HIS A . n 
A 1 11 PHE 11 11 11 PHE PHE A . n 
A 1 12 PHE 12 12 12 PHE PHE A . n 
A 1 13 LEU 13 13 13 LEU LEU A . n 
A 1 14 TYR 14 14 14 TYR TYR A . n 
A 1 15 GLY 15 15 15 GLY GLY A . n 
A 1 16 GLU 16 16 16 GLU GLU A . n 
A 1 17 PHE 17 17 17 PHE PHE A . n 
A 1 18 PRO 18 18 18 PRO PRO A . n 
A 1 19 GLY 19 19 19 GLY GLY A . n 
A 1 20 ASP 20 20 20 ASP ASP A . n 
A 1 21 GLU 21 21 21 GLU GLU A . n 
A 1 22 ARG 22 22 22 ARG ARG A . n 
A 1 23 ARG 23 23 23 ARG ARG A . n 
A 1 24 LYS 24 24 24 LYS LYS A . n 
A 1 25 LEU 25 25 25 LEU LEU A . n 
A 1 26 ILE 26 26 26 ILE ILE A . n 
A 1 27 ARG 27 27 27 ARG ARG A . n 
A 1 28 TYR 28 28 28 TYR TYR A . n 
A 1 29 VAL 29 29 29 VAL VAL A . n 
A 1 30 THR 30 30 30 THR THR A . n 
A 1 31 ALA 31 31 31 ALA ALA A . n 
A 1 32 PHE 32 32 32 PHE PHE A . n 
A 1 33 ASN 33 33 33 ASN ASN A . n 
A 1 34 GLY 34 34 34 GLY GLY A . n 
A 1 35 GLU 35 35 35 GLU GLU A . n 
A 1 36 LEU 36 36 36 LEU LEU A . n 
A 1 37 GLU 37 37 37 GLU GLU A . n 
A 1 38 ASP 38 38 38 ASP ASP A . n 
A 1 39 TYR 39 39 39 TYR TYR A . n 
A 1 40 MET 40 40 40 MET MET A . n 
A 1 41 SER 41 41 41 SER SER A . n 
A 1 42 ASP 42 42 42 ASP ASP A . n 
A 1 43 ARG 43 43 43 ARG ARG A . n 
A 1 44 VAL 44 44 44 VAL VAL A . n 
A 1 45 GLN 45 45 45 GLN GLN A . n 
A 1 46 PHE 46 46 46 PHE PHE A . n 
A 1 47 VAL 47 47 47 VAL VAL A . n 
A 1 48 ILE 48 48 48 ILE ILE A . n 
A 1 49 THR 49 49 49 THR THR A . n 
A 1 50 ALA 50 50 50 ALA ALA A . n 
A 1 51 GLN 51 51 51 GLN GLN A . n 
A 1 52 GLU 52 52 52 GLU GLU A . n 
A 1 53 TRP 53 53 53 TRP TRP A . n 
A 1 54 ASP 54 54 54 ASP ASP A . n 
A 1 55 PRO 55 55 55 PRO PRO A . n 
A 1 56 SER 56 56 56 SER SER A . n 
A 1 57 PHE 57 57 57 PHE PHE A . n 
A 1 58 GLU 58 58 58 GLU GLU A . n 
A 1 59 GLU 59 59 59 GLU GLU A . n 
A 1 60 ALA 60 60 60 ALA ALA A . n 
A 1 61 LEU 61 61 61 LEU LEU A . n 
A 1 62 MET 62 62 62 MET MET A . n 
A 1 63 ASP 63 63 63 ASP ASP A . n 
A 1 64 ASN 64 64 64 ASN ASN A . n 
A 1 65 PRO 65 65 65 PRO PRO A . n 
A 1 66 SER 66 66 66 SER SER A . n 
A 1 67 LEU 67 67 67 LEU LEU A . n 
A 1 68 ALA 68 68 68 ALA ALA A . n 
A 1 69 PHE 69 69 69 PHE PHE A . n 
A 1 70 VAL 70 70 70 VAL VAL A . n 
A 1 71 ARG 71 71 71 ARG ARG A . n 
A 1 72 PRO 72 72 72 PRO PRO A . n 
A 1 73 ARG 73 73 73 ARG ARG A . n 
A 1 74 TRP 74 74 74 TRP TRP A . n 
A 1 75 ILE 75 75 75 ILE ILE A . n 
A 1 76 TYR 76 76 76 TYR TYR A . n 
A 1 77 SER 77 77 77 SER SER A . n 
A 1 78 CYS 78 78 78 CYS CYS A . n 
A 1 79 ASN 79 79 79 ASN ASN A . n 
A 1 80 GLU 80 80 80 GLU GLU A . n 
A 1 81 LYS 81 81 81 LYS LYS A . n 
A 1 82 GLN 82 82 82 GLN GLN A . n 
A 1 83 LYS 83 83 83 LYS LYS A . n 
A 1 84 LEU 84 84 84 LEU LEU A . n 
A 1 85 LEU 85 85 85 LEU LEU A . n 
A 1 86 PRO 86 86 86 PRO PRO A . n 
A 1 87 HIS 87 87 87 HIS HIS A . n 
A 1 88 GLN 88 88 88 GLN GLN A . n 
A 1 89 LEU 89 89 89 LEU LEU A . n 
A 1 90 TYR 90 90 90 TYR TYR A . n 
A 1 91 GLY 91 91 91 GLY GLY A . n 
A 1 92 VAL 92 92 92 VAL VAL A . n 
A 1 93 VAL 93 93 93 VAL VAL A . n 
A 1 94 PRO 94 94 94 PRO PRO A . n 
A 1 95 GLN 95 95 95 GLN GLN A . n 
A 1 96 ALA 96 96 96 ALA ALA A . n 
# 
loop_
_software.name 
_software.classification 
_software.version 
_software.citation_id 
_software.pdbx_ordinal 
SHARP     phasing          .     ? 1 
CCP4      'model building' .     ? 2 
X-PLOR    'model building' .     ? 3 
X-PLOR    refinement       3.851 ? 4 
DENZO     'data reduction' .     ? 5 
SCALEPACK 'data scaling'   .     ? 6 
CCP4      phasing          .     ? 7 
X-PLOR    phasing          .     ? 8 
# 
_cell.entry_id           1CDZ 
_cell.length_a           100.800 
_cell.length_b           100.800 
_cell.length_c           72.500 
_cell.angle_alpha        90.00 
_cell.angle_beta         90.00 
_cell.angle_gamma        120.00 
_cell.Z_PDB              6 
_cell.pdbx_unique_axis   ? 
# 
_symmetry.entry_id                         1CDZ 
_symmetry.space_group_name_H-M             'P 31 2 1' 
_symmetry.pdbx_full_space_group_name_H-M   ? 
_symmetry.cell_setting                     trigonal 
_symmetry.Int_Tables_number                152 
# 
_exptl.entry_id          1CDZ 
_exptl.method            'X-RAY DIFFRACTION' 
_exptl.crystals_number   2 
# 
_exptl_crystal.id                    1 
_exptl_crystal.density_meas          ? 
_exptl_crystal.density_Matthews      4.66 
_exptl_crystal.density_percent_sol   68 
_exptl_crystal.description           ? 
# 
_exptl_crystal_grow.crystal_id      1 
_exptl_crystal_grow.method          'VAPOR DIFFUSION, HANGING DROP' 
_exptl_crystal_grow.temp            ? 
_exptl_crystal_grow.temp_details    ? 
_exptl_crystal_grow.pH              7.0 
_exptl_crystal_grow.pdbx_details    'pH 7.0, VAPOR DIFFUSION, HANGING DROP' 
_exptl_crystal_grow.pdbx_pH_range   . 
# 
loop_
_exptl_crystal_grow_comp.crystal_id 
_exptl_crystal_grow_comp.id 
_exptl_crystal_grow_comp.sol_id 
_exptl_crystal_grow_comp.name 
_exptl_crystal_grow_comp.volume 
_exptl_crystal_grow_comp.conc 
_exptl_crystal_grow_comp.details 
1 1 1 'SODIUM FORMATE' ? ? ? 
1 2 2 'SODIUM FORMATE' ? ? ? 
# 
_diffrn.id                     1 
_diffrn.ambient_temp           300 
_diffrn.ambient_temp_details   ? 
_diffrn.crystal_id             1 
# 
_diffrn_detector.diffrn_id              1 
_diffrn_detector.detector               'IMAGE PLATE' 
_diffrn_detector.type                   MARRESEARCH 
_diffrn_detector.pdbx_collection_date   ? 
_diffrn_detector.details                ? 
# 
_diffrn_radiation.diffrn_id                        1 
_diffrn_radiation.wavelength_id                    1 
_diffrn_radiation.pdbx_monochromatic_or_laue_m_l   M 
_diffrn_radiation.monochromator                    ? 
_diffrn_radiation.pdbx_diffrn_protocol             'SINGLE WAVELENGTH' 
_diffrn_radiation.pdbx_scattering_type             x-ray 
# 
_diffrn_radiation_wavelength.id           1 
_diffrn_radiation_wavelength.wavelength   0.97 
_diffrn_radiation_wavelength.wt           1.0 
# 
_diffrn_source.diffrn_id                   1 
_diffrn_source.source                      SYNCHROTRON 
_diffrn_source.type                        'SRS BEAMLINE PX9.5' 
_diffrn_source.pdbx_synchrotron_site       SRS 
_diffrn_source.pdbx_synchrotron_beamline   PX9.5 
_diffrn_source.pdbx_wavelength             0.97 
_diffrn_source.pdbx_wavelength_list        ? 
# 
_reflns.entry_id                     1CDZ 
_reflns.observed_criterion_sigma_I   2 
_reflns.observed_criterion_sigma_F   ? 
_reflns.d_resolution_low             30 
_reflns.d_resolution_high            3.2 
_reflns.number_obs                   7526 
_reflns.number_all                   ? 
_reflns.percent_possible_obs         99.5 
_reflns.pdbx_Rmerge_I_obs            ? 
_reflns.pdbx_Rsym_value              7.2000000 
_reflns.pdbx_netI_over_sigmaI        6.2 
_reflns.B_iso_Wilson_estimate        69 
_reflns.pdbx_redundancy              4.7 
_reflns.R_free_details               ? 
_reflns.limit_h_max                  ? 
_reflns.limit_h_min                  ? 
_reflns.limit_k_max                  ? 
_reflns.limit_k_min                  ? 
_reflns.limit_l_max                  ? 
_reflns.limit_l_min                  ? 
_reflns.observed_criterion_F_max     ? 
_reflns.observed_criterion_F_min     ? 
_reflns.pdbx_diffrn_id               1 
_reflns.pdbx_ordinal                 1 
# 
_reflns_shell.d_res_high             3.2 
_reflns_shell.d_res_low              3.31 
_reflns_shell.percent_possible_all   100 
_reflns_shell.Rmerge_I_obs           ? 
_reflns_shell.pdbx_Rsym_value        28.6000000 
_reflns_shell.meanI_over_sigI_obs    ? 
_reflns_shell.pdbx_redundancy        3.5 
_reflns_shell.percent_possible_obs   ? 
_reflns_shell.number_unique_all      ? 
_reflns_shell.pdbx_diffrn_id         ? 
_reflns_shell.pdbx_ordinal           1 
# 
_refine.entry_id                                 1CDZ 
_refine.ls_number_reflns_obs                     6921 
_refine.ls_number_reflns_all                     ? 
_refine.pdbx_ls_sigma_I                          ? 
_refine.pdbx_ls_sigma_F                          2 
_refine.pdbx_data_cutoff_high_absF               100000 
_refine.pdbx_data_cutoff_low_absF                0.001 
_refine.pdbx_data_cutoff_high_rms_absF           ? 
_refine.ls_d_res_low                             15 
_refine.ls_d_res_high                            3.2 
_refine.ls_percent_reflns_obs                    99. 
_refine.ls_R_factor_obs                          ? 
_refine.ls_R_factor_all                          ? 
_refine.ls_R_factor_R_work                       0.2240000 
_refine.ls_R_factor_R_free                       0.2660000 
_refine.ls_R_factor_R_free_error                 0.01 
_refine.ls_R_factor_R_free_error_details         ? 
_refine.ls_percent_reflns_R_free                 10.3 
_refine.ls_number_reflns_R_free                  721 
_refine.ls_number_parameters                     ? 
_refine.ls_number_restraints                     ? 
_refine.occupancy_min                            ? 
_refine.occupancy_max                            ? 
_refine.B_iso_mean                               41 
_refine.aniso_B[1][1]                            ? 
_refine.aniso_B[2][2]                            ? 
_refine.aniso_B[3][3]                            ? 
_refine.aniso_B[1][2]                            ? 
_refine.aniso_B[1][3]                            ? 
_refine.aniso_B[2][3]                            ? 
_refine.solvent_model_details                    ? 
_refine.solvent_model_param_ksol                 ? 
_refine.solvent_model_param_bsol                 ? 
_refine.pdbx_ls_cross_valid_method               THROUGHTOUT 
_refine.details                                  ? 
_refine.pdbx_starting_model                      ? 
_refine.pdbx_method_to_determine_struct          SIR 
_refine.pdbx_isotropic_thermal_model             ? 
_refine.pdbx_stereochemistry_target_values       ? 
_refine.pdbx_stereochem_target_val_spec_case     ? 
_refine.pdbx_R_Free_selection_details            RANDOM 
_refine.pdbx_overall_ESU_R                       ? 
_refine.pdbx_overall_ESU_R_Free                  ? 
_refine.overall_SU_ML                            ? 
_refine.overall_SU_B                             ? 
_refine.ls_redundancy_reflns_obs                 ? 
_refine.B_iso_min                                ? 
_refine.B_iso_max                                ? 
_refine.pdbx_refine_id                           'X-RAY DIFFRACTION' 
_refine.pdbx_diffrn_id                           1 
_refine.pdbx_TLS_residual_ADP_flag               ? 
_refine.correlation_coeff_Fo_to_Fc               ? 
_refine.correlation_coeff_Fo_to_Fc_free          ? 
_refine.pdbx_solvent_vdw_probe_radii             ? 
_refine.pdbx_solvent_ion_probe_radii             ? 
_refine.pdbx_solvent_shrinkage_radii             ? 
_refine.pdbx_overall_phase_error                 ? 
_refine.overall_SU_R_Cruickshank_DPI             ? 
_refine.pdbx_overall_SU_R_free_Cruickshank_DPI   ? 
_refine.pdbx_overall_SU_R_Blow_DPI               ? 
_refine.pdbx_overall_SU_R_free_Blow_DPI          ? 
# 
_refine_hist.pdbx_refine_id                   'X-RAY DIFFRACTION' 
_refine_hist.cycle_id                         LAST 
_refine_hist.pdbx_number_atoms_protein        808 
_refine_hist.pdbx_number_atoms_nucleic_acid   0 
_refine_hist.pdbx_number_atoms_ligand         0 
_refine_hist.number_atoms_solvent             0 
_refine_hist.number_atoms_total               808 
_refine_hist.d_res_high                       3.2 
_refine_hist.d_res_low                        15 
# 
loop_
_refine_ls_restr.type 
_refine_ls_restr.dev_ideal 
_refine_ls_restr.dev_ideal_target 
_refine_ls_restr.weight 
_refine_ls_restr.number 
_refine_ls_restr.pdbx_refine_id 
_refine_ls_restr.pdbx_restraint_function 
x_bond_d                0.02 ? ? ? 'X-RAY DIFFRACTION' ? 
x_bond_d_na             ?    ? ? ? 'X-RAY DIFFRACTION' ? 
x_bond_d_prot           ?    ? ? ? 'X-RAY DIFFRACTION' ? 
x_angle_d               ?    ? ? ? 'X-RAY DIFFRACTION' ? 
x_angle_d_na            ?    ? ? ? 'X-RAY DIFFRACTION' ? 
x_angle_d_prot          ?    ? ? ? 'X-RAY DIFFRACTION' ? 
x_angle_deg             2.1  ? ? ? 'X-RAY DIFFRACTION' ? 
x_angle_deg_na          ?    ? ? ? 'X-RAY DIFFRACTION' ? 
x_angle_deg_prot        ?    ? ? ? 'X-RAY DIFFRACTION' ? 
x_dihedral_angle_d      ?    ? ? ? 'X-RAY DIFFRACTION' ? 
x_dihedral_angle_d_na   ?    ? ? ? 'X-RAY DIFFRACTION' ? 
x_dihedral_angle_d_prot ?    ? ? ? 'X-RAY DIFFRACTION' ? 
x_improper_angle_d      ?    ? ? ? 'X-RAY DIFFRACTION' ? 
x_improper_angle_d_na   ?    ? ? ? 'X-RAY DIFFRACTION' ? 
x_improper_angle_d_prot ?    ? ? ? 'X-RAY DIFFRACTION' ? 
x_mcbond_it             ?    ? ? ? 'X-RAY DIFFRACTION' ? 
x_mcangle_it            ?    ? ? ? 'X-RAY DIFFRACTION' ? 
x_scbond_it             ?    ? ? ? 'X-RAY DIFFRACTION' ? 
x_scangle_it            ?    ? ? ? 'X-RAY DIFFRACTION' ? 
# 
_refine_ls_restr_ncs.dom_id              1 
_refine_ls_restr_ncs.ncs_model_details   STRICT 
_refine_ls_restr_ncs.rms_dev_position    ? 
_refine_ls_restr_ncs.weight_position     ? 
_refine_ls_restr_ncs.rms_dev_B_iso       ? 
_refine_ls_restr_ncs.weight_B_iso        ? 
_refine_ls_restr_ncs.pdbx_type           . 
_refine_ls_restr_ncs.pdbx_auth_asym_id   . 
_refine_ls_restr_ncs.pdbx_ens_id         1 
_refine_ls_restr_ncs.pdbx_refine_id      'X-RAY DIFFRACTION' 
_refine_ls_restr_ncs.pdbx_ordinal        1 
_refine_ls_restr_ncs.pdbx_number         ? 
_refine_ls_restr_ncs.pdbx_asym_id        ? 
_refine_ls_restr_ncs.pdbx_rms            ? 
_refine_ls_restr_ncs.pdbx_weight         ? 
# 
_refine_ls_shell.pdbx_total_number_of_bins_used   8 
_refine_ls_shell.d_res_high                       3.2 
_refine_ls_shell.d_res_low                        3.34 
_refine_ls_shell.number_reflns_R_work             754 
_refine_ls_shell.R_factor_R_work                  0.3280000 
_refine_ls_shell.percent_reflns_obs               95 
_refine_ls_shell.R_factor_R_free                  0.3860000 
_refine_ls_shell.R_factor_R_free_error            0.04 
_refine_ls_shell.percent_reflns_R_free            9.8 
_refine_ls_shell.number_reflns_R_free             77 
_refine_ls_shell.redundancy_reflns_obs            ? 
_refine_ls_shell.number_reflns_all                ? 
_refine_ls_shell.number_reflns_obs                ? 
_refine_ls_shell.pdbx_refine_id                   'X-RAY DIFFRACTION' 
_refine_ls_shell.R_factor_all                     ? 
# 
_struct_ncs_oper.id             1 
_struct_ncs_oper.code           given 
_struct_ncs_oper.details        ? 
_struct_ncs_oper.matrix[1][1]   -0.90713197 
_struct_ncs_oper.matrix[1][2]   -0.10924331 
_struct_ncs_oper.matrix[1][3]   -0.40641436 
_struct_ncs_oper.matrix[2][1]   -0.10855000 
_struct_ncs_oper.matrix[2][2]   -0.87229360 
_struct_ncs_oper.matrix[2][3]   0.47677828 
_struct_ncs_oper.matrix[3][1]   -0.40659217 
_struct_ncs_oper.matrix[3][2]   0.47661986 
_struct_ncs_oper.matrix[3][3]   0.77942557 
_struct_ncs_oper.vector[1]      2.21666 
_struct_ncs_oper.vector[2]      -27.89014 
_struct_ncs_oper.vector[3]      7.63998 
# 
_struct_ncs_dom.id            1 
_struct_ncs_dom.pdbx_ens_id   1 
_struct_ncs_dom.details       ? 
# 
_struct_ncs_ens.id        1 
_struct_ncs_ens.details   ? 
# 
_struct.entry_id                  1CDZ 
_struct.title                     'BRCT DOMAIN FROM DNA-REPAIR PROTEIN XRCC1' 
_struct.pdbx_model_details        ? 
_struct.pdbx_CASP_flag            ? 
_struct.pdbx_model_type_details   ? 
# 
_struct_keywords.entry_id        1CDZ 
_struct_keywords.pdbx_keywords   'DNA BINDING PROTEIN' 
_struct_keywords.text            'BRCT, BRCA1, XRCC1, PROTEIN-PROTEIN INTERACTION, DNA BINDING PROTEIN' 
# 
_struct_asym.id                            A 
_struct_asym.pdbx_blank_PDB_chainid_flag   N 
_struct_asym.pdbx_modified                 N 
_struct_asym.entity_id                     1 
_struct_asym.details                       ? 
# 
_struct_ref.id                         1 
_struct_ref.db_name                    UNP 
_struct_ref.db_code                    XRCC1_HUMAN 
_struct_ref.entity_id                  1 
_struct_ref.pdbx_db_accession          P18887 
_struct_ref.pdbx_align_begin           ? 
_struct_ref.pdbx_seq_one_letter_code   ? 
_struct_ref.pdbx_db_isoform            ? 
# 
_struct_ref_seq.align_id                      1 
_struct_ref_seq.ref_id                        1 
_struct_ref_seq.pdbx_PDB_id_code              1CDZ 
_struct_ref_seq.pdbx_strand_id                A 
_struct_ref_seq.seq_align_beg                 1 
_struct_ref_seq.pdbx_seq_align_beg_ins_code   ? 
_struct_ref_seq.seq_align_end                 96 
_struct_ref_seq.pdbx_seq_align_end_ins_code   ? 
_struct_ref_seq.pdbx_db_accession             P18887 
_struct_ref_seq.db_align_beg                  538 
_struct_ref_seq.pdbx_db_align_beg_ins_code    ? 
_struct_ref_seq.db_align_end                  633 
_struct_ref_seq.pdbx_db_align_end_ins_code    ? 
_struct_ref_seq.pdbx_auth_seq_align_beg       1 
_struct_ref_seq.pdbx_auth_seq_align_end       96 
# 
_pdbx_struct_assembly.id                   1 
_pdbx_struct_assembly.details              author_defined_assembly 
_pdbx_struct_assembly.method_details       ? 
_pdbx_struct_assembly.oligomeric_details   monomeric 
_pdbx_struct_assembly.oligomeric_count     1 
# 
_pdbx_struct_assembly_gen.assembly_id       1 
_pdbx_struct_assembly_gen.oper_expression   1 
_pdbx_struct_assembly_gen.asym_id_list      A 
# 
_pdbx_struct_oper_list.id                   1 
_pdbx_struct_oper_list.type                 'identity operation' 
_pdbx_struct_oper_list.name                 1_555 
_pdbx_struct_oper_list.symmetry_operation   x,y,z 
_pdbx_struct_oper_list.matrix[1][1]         1.0000000000 
_pdbx_struct_oper_list.matrix[1][2]         0.0000000000 
_pdbx_struct_oper_list.matrix[1][3]         0.0000000000 
_pdbx_struct_oper_list.vector[1]            0.0000000000 
_pdbx_struct_oper_list.matrix[2][1]         0.0000000000 
_pdbx_struct_oper_list.matrix[2][2]         1.0000000000 
_pdbx_struct_oper_list.matrix[2][3]         0.0000000000 
_pdbx_struct_oper_list.vector[2]            0.0000000000 
_pdbx_struct_oper_list.matrix[3][1]         0.0000000000 
_pdbx_struct_oper_list.matrix[3][2]         0.0000000000 
_pdbx_struct_oper_list.matrix[3][3]         1.0000000000 
_pdbx_struct_oper_list.vector[3]            0.0000000000 
# 
_struct_biol.id   1 
# 
loop_
_struct_conf.conf_type_id 
_struct_conf.id 
_struct_conf.pdbx_PDB_helix_id 
_struct_conf.beg_label_comp_id 
_struct_conf.beg_label_asym_id 
_struct_conf.beg_label_seq_id 
_struct_conf.pdbx_beg_PDB_ins_code 
_struct_conf.end_label_comp_id 
_struct_conf.end_label_asym_id 
_struct_conf.end_label_seq_id 
_struct_conf.pdbx_end_PDB_ins_code 
_struct_conf.beg_auth_comp_id 
_struct_conf.beg_auth_asym_id 
_struct_conf.beg_auth_seq_id 
_struct_conf.end_auth_comp_id 
_struct_conf.end_auth_asym_id 
_struct_conf.end_auth_seq_id 
_struct_conf.pdbx_PDB_helix_class 
_struct_conf.details 
_struct_conf.pdbx_PDB_helix_length 
HELX_P HELX_P1 1 ASP A 20 ? PHE A 32 ? ASP A 20 PHE A 32 1 ? 13 
HELX_P HELX_P2 2 PRO A 55 ? ASP A 63 ? PRO A 55 ASP A 63 1 ? 9  
HELX_P HELX_P3 3 PRO A 72 ? LYS A 81 ? PRO A 72 LYS A 81 5 ? 10 
HELX_P HELX_P4 4 HIS A 87 ? TYR A 90 ? HIS A 87 TYR A 90 5 ? 4  
# 
_struct_conf_type.id          HELX_P 
_struct_conf_type.criteria    ? 
_struct_conf_type.reference   ? 
# 
_struct_sheet.id               A 
_struct_sheet.type             ? 
_struct_sheet.number_strands   3 
_struct_sheet.details          ? 
# 
loop_
_struct_sheet_order.sheet_id 
_struct_sheet_order.range_id_1 
_struct_sheet_order.range_id_2 
_struct_sheet_order.offset 
_struct_sheet_order.sense 
A 1 2 ? parallel 
A 2 3 ? parallel 
# 
loop_
_struct_sheet_range.sheet_id 
_struct_sheet_range.id 
_struct_sheet_range.beg_label_comp_id 
_struct_sheet_range.beg_label_asym_id 
_struct_sheet_range.beg_label_seq_id 
_struct_sheet_range.pdbx_beg_PDB_ins_code 
_struct_sheet_range.end_label_comp_id 
_struct_sheet_range.end_label_asym_id 
_struct_sheet_range.end_label_seq_id 
_struct_sheet_range.pdbx_end_PDB_ins_code 
_struct_sheet_range.beg_auth_comp_id 
_struct_sheet_range.beg_auth_asym_id 
_struct_sheet_range.beg_auth_seq_id 
_struct_sheet_range.end_auth_comp_id 
_struct_sheet_range.end_auth_asym_id 
_struct_sheet_range.end_auth_seq_id 
A 1 PHE A 11 ? LEU A 13 ? PHE A 11 LEU A 13 
A 2 PHE A 46 ? ILE A 48 ? PHE A 46 ILE A 48 
A 3 ALA A 68 ? VAL A 70 ? ALA A 68 VAL A 70 
# 
loop_
_pdbx_struct_sheet_hbond.sheet_id 
_pdbx_struct_sheet_hbond.range_id_1 
_pdbx_struct_sheet_hbond.range_id_2 
_pdbx_struct_sheet_hbond.range_1_label_atom_id 
_pdbx_struct_sheet_hbond.range_1_label_comp_id 
_pdbx_struct_sheet_hbond.range_1_label_asym_id 
_pdbx_struct_sheet_hbond.range_1_label_seq_id 
_pdbx_struct_sheet_hbond.range_1_PDB_ins_code 
_pdbx_struct_sheet_hbond.range_1_auth_atom_id 
_pdbx_struct_sheet_hbond.range_1_auth_comp_id 
_pdbx_struct_sheet_hbond.range_1_auth_asym_id 
_pdbx_struct_sheet_hbond.range_1_auth_seq_id 
_pdbx_struct_sheet_hbond.range_2_label_atom_id 
_pdbx_struct_sheet_hbond.range_2_label_comp_id 
_pdbx_struct_sheet_hbond.range_2_label_asym_id 
_pdbx_struct_sheet_hbond.range_2_label_seq_id 
_pdbx_struct_sheet_hbond.range_2_PDB_ins_code 
_pdbx_struct_sheet_hbond.range_2_auth_atom_id 
_pdbx_struct_sheet_hbond.range_2_auth_comp_id 
_pdbx_struct_sheet_hbond.range_2_auth_asym_id 
_pdbx_struct_sheet_hbond.range_2_auth_seq_id 
A 1 2 O PHE A 12 ? O PHE A 12 N PHE A 46 ? N PHE A 46 
A 2 3 O VAL A 47 ? O VAL A 47 N ALA A 68 ? N ALA A 68 
# 
_pdbx_validate_symm_contact.id                1 
_pdbx_validate_symm_contact.PDB_model_num     1 
_pdbx_validate_symm_contact.auth_atom_id_1    OE2 
_pdbx_validate_symm_contact.auth_asym_id_1    A 
_pdbx_validate_symm_contact.auth_comp_id_1    GLU 
_pdbx_validate_symm_contact.auth_seq_id_1     16 
_pdbx_validate_symm_contact.PDB_ins_code_1    ? 
_pdbx_validate_symm_contact.label_alt_id_1    ? 
_pdbx_validate_symm_contact.site_symmetry_1   1_555 
_pdbx_validate_symm_contact.auth_atom_id_2    NE2 
_pdbx_validate_symm_contact.auth_asym_id_2    A 
_pdbx_validate_symm_contact.auth_comp_id_2    GLN 
_pdbx_validate_symm_contact.auth_seq_id_2     51 
_pdbx_validate_symm_contact.PDB_ins_code_2    ? 
_pdbx_validate_symm_contact.label_alt_id_2    ? 
_pdbx_validate_symm_contact.site_symmetry_2   5_555 
_pdbx_validate_symm_contact.dist              1.78 
# 
loop_
_pdbx_validate_rmsd_angle.id 
_pdbx_validate_rmsd_angle.PDB_model_num 
_pdbx_validate_rmsd_angle.auth_atom_id_1 
_pdbx_validate_rmsd_angle.auth_asym_id_1 
_pdbx_validate_rmsd_angle.auth_comp_id_1 
_pdbx_validate_rmsd_angle.auth_seq_id_1 
_pdbx_validate_rmsd_angle.PDB_ins_code_1 
_pdbx_validate_rmsd_angle.label_alt_id_1 
_pdbx_validate_rmsd_angle.auth_atom_id_2 
_pdbx_validate_rmsd_angle.auth_asym_id_2 
_pdbx_validate_rmsd_angle.auth_comp_id_2 
_pdbx_validate_rmsd_angle.auth_seq_id_2 
_pdbx_validate_rmsd_angle.PDB_ins_code_2 
_pdbx_validate_rmsd_angle.label_alt_id_2 
_pdbx_validate_rmsd_angle.auth_atom_id_3 
_pdbx_validate_rmsd_angle.auth_asym_id_3 
_pdbx_validate_rmsd_angle.auth_comp_id_3 
_pdbx_validate_rmsd_angle.auth_seq_id_3 
_pdbx_validate_rmsd_angle.PDB_ins_code_3 
_pdbx_validate_rmsd_angle.label_alt_id_3 
_pdbx_validate_rmsd_angle.angle_value 
_pdbx_validate_rmsd_angle.angle_target_value 
_pdbx_validate_rmsd_angle.angle_deviation 
_pdbx_validate_rmsd_angle.angle_standard_deviation 
_pdbx_validate_rmsd_angle.linker_flag 
1 1 N A GLU 16 ? ? CA A GLU 16 ? ? C  A GLU 16 ? ? 88.42  111.00 -22.58 2.70 N 
2 1 C A PHE 17 ? ? N  A PRO 18 ? ? CA A PRO 18 ? ? 129.49 119.30 10.19  1.50 Y 
3 1 C A ASN 64 ? ? N  A PRO 65 ? ? CA A PRO 65 ? ? 128.94 119.30 9.64   1.50 Y 
# 
loop_
_pdbx_validate_torsion.id 
_pdbx_validate_torsion.PDB_model_num 
_pdbx_validate_torsion.auth_comp_id 
_pdbx_validate_torsion.auth_asym_id 
_pdbx_validate_torsion.auth_seq_id 
_pdbx_validate_torsion.PDB_ins_code 
_pdbx_validate_torsion.label_alt_id 
_pdbx_validate_torsion.phi 
_pdbx_validate_torsion.psi 
1  1 ASP A 4  ? ? -118.16 52.02   
2  1 GLN A 7  ? ? -0.28   -83.51  
3  1 PRO A 18 ? ? -60.10  46.82   
4  1 VAL A 29 ? ? -64.04  -70.26  
5  1 ASN A 33 ? ? 73.46   33.04   
6  1 GLN A 51 ? ? -63.86  -170.37 
7  1 ASP A 63 ? ? -165.38 -23.68  
8  1 ASN A 64 ? ? -160.56 82.79   
9  1 PRO A 72 ? ? -29.56  -44.94  
10 1 TYR A 76 ? ? -70.29  -79.60  
11 1 SER A 77 ? ? -36.95  -31.86  
12 1 GLU A 80 ? ? -52.34  -1.96   
# 
loop_
_chem_comp_atom.comp_id 
_chem_comp_atom.atom_id 
_chem_comp_atom.type_symbol 
_chem_comp_atom.pdbx_aromatic_flag 
_chem_comp_atom.pdbx_stereo_config 
_chem_comp_atom.pdbx_ordinal 
ALA N    N N N 1   
ALA CA   C N S 2   
ALA C    C N N 3   
ALA O    O N N 4   
ALA CB   C N N 5   
ALA OXT  O N N 6   
ALA H    H N N 7   
ALA H2   H N N 8   
ALA HA   H N N 9   
ALA HB1  H N N 10  
ALA HB2  H N N 11  
ALA HB3  H N N 12  
ALA HXT  H N N 13  
ARG N    N N N 14  
ARG CA   C N S 15  
ARG C    C N N 16  
ARG O    O N N 17  
ARG CB   C N N 18  
ARG CG   C N N 19  
ARG CD   C N N 20  
ARG NE   N N N 21  
ARG CZ   C N N 22  
ARG NH1  N N N 23  
ARG NH2  N N N 24  
ARG OXT  O N N 25  
ARG H    H N N 26  
ARG H2   H N N 27  
ARG HA   H N N 28  
ARG HB2  H N N 29  
ARG HB3  H N N 30  
ARG HG2  H N N 31  
ARG HG3  H N N 32  
ARG HD2  H N N 33  
ARG HD3  H N N 34  
ARG HE   H N N 35  
ARG HH11 H N N 36  
ARG HH12 H N N 37  
ARG HH21 H N N 38  
ARG HH22 H N N 39  
ARG HXT  H N N 40  
ASN N    N N N 41  
ASN CA   C N S 42  
ASN C    C N N 43  
ASN O    O N N 44  
ASN CB   C N N 45  
ASN CG   C N N 46  
ASN OD1  O N N 47  
ASN ND2  N N N 48  
ASN OXT  O N N 49  
ASN H    H N N 50  
ASN H2   H N N 51  
ASN HA   H N N 52  
ASN HB2  H N N 53  
ASN HB3  H N N 54  
ASN HD21 H N N 55  
ASN HD22 H N N 56  
ASN HXT  H N N 57  
ASP N    N N N 58  
ASP CA   C N S 59  
ASP C    C N N 60  
ASP O    O N N 61  
ASP CB   C N N 62  
ASP CG   C N N 63  
ASP OD1  O N N 64  
ASP OD2  O N N 65  
ASP OXT  O N N 66  
ASP H    H N N 67  
ASP H2   H N N 68  
ASP HA   H N N 69  
ASP HB2  H N N 70  
ASP HB3  H N N 71  
ASP HD2  H N N 72  
ASP HXT  H N N 73  
CYS N    N N N 74  
CYS CA   C N R 75  
CYS C    C N N 76  
CYS O    O N N 77  
CYS CB   C N N 78  
CYS SG   S N N 79  
CYS OXT  O N N 80  
CYS H    H N N 81  
CYS H2   H N N 82  
CYS HA   H N N 83  
CYS HB2  H N N 84  
CYS HB3  H N N 85  
CYS HG   H N N 86  
CYS HXT  H N N 87  
GLN N    N N N 88  
GLN CA   C N S 89  
GLN C    C N N 90  
GLN O    O N N 91  
GLN CB   C N N 92  
GLN CG   C N N 93  
GLN CD   C N N 94  
GLN OE1  O N N 95  
GLN NE2  N N N 96  
GLN OXT  O N N 97  
GLN H    H N N 98  
GLN H2   H N N 99  
GLN HA   H N N 100 
GLN HB2  H N N 101 
GLN HB3  H N N 102 
GLN HG2  H N N 103 
GLN HG3  H N N 104 
GLN HE21 H N N 105 
GLN HE22 H N N 106 
GLN HXT  H N N 107 
GLU N    N N N 108 
GLU CA   C N S 109 
GLU C    C N N 110 
GLU O    O N N 111 
GLU CB   C N N 112 
GLU CG   C N N 113 
GLU CD   C N N 114 
GLU OE1  O N N 115 
GLU OE2  O N N 116 
GLU OXT  O N N 117 
GLU H    H N N 118 
GLU H2   H N N 119 
GLU HA   H N N 120 
GLU HB2  H N N 121 
GLU HB3  H N N 122 
GLU HG2  H N N 123 
GLU HG3  H N N 124 
GLU HE2  H N N 125 
GLU HXT  H N N 126 
GLY N    N N N 127 
GLY CA   C N N 128 
GLY C    C N N 129 
GLY O    O N N 130 
GLY OXT  O N N 131 
GLY H    H N N 132 
GLY H2   H N N 133 
GLY HA2  H N N 134 
GLY HA3  H N N 135 
GLY HXT  H N N 136 
HIS N    N N N 137 
HIS CA   C N S 138 
HIS C    C N N 139 
HIS O    O N N 140 
HIS CB   C N N 141 
HIS CG   C Y N 142 
HIS ND1  N Y N 143 
HIS CD2  C Y N 144 
HIS CE1  C Y N 145 
HIS NE2  N Y N 146 
HIS OXT  O N N 147 
HIS H    H N N 148 
HIS H2   H N N 149 
HIS HA   H N N 150 
HIS HB2  H N N 151 
HIS HB3  H N N 152 
HIS HD1  H N N 153 
HIS HD2  H N N 154 
HIS HE1  H N N 155 
HIS HE2  H N N 156 
HIS HXT  H N N 157 
ILE N    N N N 158 
ILE CA   C N S 159 
ILE C    C N N 160 
ILE O    O N N 161 
ILE CB   C N S 162 
ILE CG1  C N N 163 
ILE CG2  C N N 164 
ILE CD1  C N N 165 
ILE OXT  O N N 166 
ILE H    H N N 167 
ILE H2   H N N 168 
ILE HA   H N N 169 
ILE HB   H N N 170 
ILE HG12 H N N 171 
ILE HG13 H N N 172 
ILE HG21 H N N 173 
ILE HG22 H N N 174 
ILE HG23 H N N 175 
ILE HD11 H N N 176 
ILE HD12 H N N 177 
ILE HD13 H N N 178 
ILE HXT  H N N 179 
LEU N    N N N 180 
LEU CA   C N S 181 
LEU C    C N N 182 
LEU O    O N N 183 
LEU CB   C N N 184 
LEU CG   C N N 185 
LEU CD1  C N N 186 
LEU CD2  C N N 187 
LEU OXT  O N N 188 
LEU H    H N N 189 
LEU H2   H N N 190 
LEU HA   H N N 191 
LEU HB2  H N N 192 
LEU HB3  H N N 193 
LEU HG   H N N 194 
LEU HD11 H N N 195 
LEU HD12 H N N 196 
LEU HD13 H N N 197 
LEU HD21 H N N 198 
LEU HD22 H N N 199 
LEU HD23 H N N 200 
LEU HXT  H N N 201 
LYS N    N N N 202 
LYS CA   C N S 203 
LYS C    C N N 204 
LYS O    O N N 205 
LYS CB   C N N 206 
LYS CG   C N N 207 
LYS CD   C N N 208 
LYS CE   C N N 209 
LYS NZ   N N N 210 
LYS OXT  O N N 211 
LYS H    H N N 212 
LYS H2   H N N 213 
LYS HA   H N N 214 
LYS HB2  H N N 215 
LYS HB3  H N N 216 
LYS HG2  H N N 217 
LYS HG3  H N N 218 
LYS HD2  H N N 219 
LYS HD3  H N N 220 
LYS HE2  H N N 221 
LYS HE3  H N N 222 
LYS HZ1  H N N 223 
LYS HZ2  H N N 224 
LYS HZ3  H N N 225 
LYS HXT  H N N 226 
MET N    N N N 227 
MET CA   C N S 228 
MET C    C N N 229 
MET O    O N N 230 
MET CB   C N N 231 
MET CG   C N N 232 
MET SD   S N N 233 
MET CE   C N N 234 
MET OXT  O N N 235 
MET H    H N N 236 
MET H2   H N N 237 
MET HA   H N N 238 
MET HB2  H N N 239 
MET HB3  H N N 240 
MET HG2  H N N 241 
MET HG3  H N N 242 
MET HE1  H N N 243 
MET HE2  H N N 244 
MET HE3  H N N 245 
MET HXT  H N N 246 
PHE N    N N N 247 
PHE CA   C N S 248 
PHE C    C N N 249 
PHE O    O N N 250 
PHE CB   C N N 251 
PHE CG   C Y N 252 
PHE CD1  C Y N 253 
PHE CD2  C Y N 254 
PHE CE1  C Y N 255 
PHE CE2  C Y N 256 
PHE CZ   C Y N 257 
PHE OXT  O N N 258 
PHE H    H N N 259 
PHE H2   H N N 260 
PHE HA   H N N 261 
PHE HB2  H N N 262 
PHE HB3  H N N 263 
PHE HD1  H N N 264 
PHE HD2  H N N 265 
PHE HE1  H N N 266 
PHE HE2  H N N 267 
PHE HZ   H N N 268 
PHE HXT  H N N 269 
PRO N    N N N 270 
PRO CA   C N S 271 
PRO C    C N N 272 
PRO O    O N N 273 
PRO CB   C N N 274 
PRO CG   C N N 275 
PRO CD   C N N 276 
PRO OXT  O N N 277 
PRO H    H N N 278 
PRO HA   H N N 279 
PRO HB2  H N N 280 
PRO HB3  H N N 281 
PRO HG2  H N N 282 
PRO HG3  H N N 283 
PRO HD2  H N N 284 
PRO HD3  H N N 285 
PRO HXT  H N N 286 
SER N    N N N 287 
SER CA   C N S 288 
SER C    C N N 289 
SER O    O N N 290 
SER CB   C N N 291 
SER OG   O N N 292 
SER OXT  O N N 293 
SER H    H N N 294 
SER H2   H N N 295 
SER HA   H N N 296 
SER HB2  H N N 297 
SER HB3  H N N 298 
SER HG   H N N 299 
SER HXT  H N N 300 
THR N    N N N 301 
THR CA   C N S 302 
THR C    C N N 303 
THR O    O N N 304 
THR CB   C N R 305 
THR OG1  O N N 306 
THR CG2  C N N 307 
THR OXT  O N N 308 
THR H    H N N 309 
THR H2   H N N 310 
THR HA   H N N 311 
THR HB   H N N 312 
THR HG1  H N N 313 
THR HG21 H N N 314 
THR HG22 H N N 315 
THR HG23 H N N 316 
THR HXT  H N N 317 
TRP N    N N N 318 
TRP CA   C N S 319 
TRP C    C N N 320 
TRP O    O N N 321 
TRP CB   C N N 322 
TRP CG   C Y N 323 
TRP CD1  C Y N 324 
TRP CD2  C Y N 325 
TRP NE1  N Y N 326 
TRP CE2  C Y N 327 
TRP CE3  C Y N 328 
TRP CZ2  C Y N 329 
TRP CZ3  C Y N 330 
TRP CH2  C Y N 331 
TRP OXT  O N N 332 
TRP H    H N N 333 
TRP H2   H N N 334 
TRP HA   H N N 335 
TRP HB2  H N N 336 
TRP HB3  H N N 337 
TRP HD1  H N N 338 
TRP HE1  H N N 339 
TRP HE3  H N N 340 
TRP HZ2  H N N 341 
TRP HZ3  H N N 342 
TRP HH2  H N N 343 
TRP HXT  H N N 344 
TYR N    N N N 345 
TYR CA   C N S 346 
TYR C    C N N 347 
TYR O    O N N 348 
TYR CB   C N N 349 
TYR CG   C Y N 350 
TYR CD1  C Y N 351 
TYR CD2  C Y N 352 
TYR CE1  C Y N 353 
TYR CE2  C Y N 354 
TYR CZ   C Y N 355 
TYR OH   O N N 356 
TYR OXT  O N N 357 
TYR H    H N N 358 
TYR H2   H N N 359 
TYR HA   H N N 360 
TYR HB2  H N N 361 
TYR HB3  H N N 362 
TYR HD1  H N N 363 
TYR HD2  H N N 364 
TYR HE1  H N N 365 
TYR HE2  H N N 366 
TYR HH   H N N 367 
TYR HXT  H N N 368 
VAL N    N N N 369 
VAL CA   C N S 370 
VAL C    C N N 371 
VAL O    O N N 372 
VAL CB   C N N 373 
VAL CG1  C N N 374 
VAL CG2  C N N 375 
VAL OXT  O N N 376 
VAL H    H N N 377 
VAL H2   H N N 378 
VAL HA   H N N 379 
VAL HB   H N N 380 
VAL HG11 H N N 381 
VAL HG12 H N N 382 
VAL HG13 H N N 383 
VAL HG21 H N N 384 
VAL HG22 H N N 385 
VAL HG23 H N N 386 
VAL HXT  H N N 387 
# 
loop_
_chem_comp_bond.comp_id 
_chem_comp_bond.atom_id_1 
_chem_comp_bond.atom_id_2 
_chem_comp_bond.value_order 
_chem_comp_bond.pdbx_aromatic_flag 
_chem_comp_bond.pdbx_stereo_config 
_chem_comp_bond.pdbx_ordinal 
ALA N   CA   sing N N 1   
ALA N   H    sing N N 2   
ALA N   H2   sing N N 3   
ALA CA  C    sing N N 4   
ALA CA  CB   sing N N 5   
ALA CA  HA   sing N N 6   
ALA C   O    doub N N 7   
ALA C   OXT  sing N N 8   
ALA CB  HB1  sing N N 9   
ALA CB  HB2  sing N N 10  
ALA CB  HB3  sing N N 11  
ALA OXT HXT  sing N N 12  
ARG N   CA   sing N N 13  
ARG N   H    sing N N 14  
ARG N   H2   sing N N 15  
ARG CA  C    sing N N 16  
ARG CA  CB   sing N N 17  
ARG CA  HA   sing N N 18  
ARG C   O    doub N N 19  
ARG C   OXT  sing N N 20  
ARG CB  CG   sing N N 21  
ARG CB  HB2  sing N N 22  
ARG CB  HB3  sing N N 23  
ARG CG  CD   sing N N 24  
ARG CG  HG2  sing N N 25  
ARG CG  HG3  sing N N 26  
ARG CD  NE   sing N N 27  
ARG CD  HD2  sing N N 28  
ARG CD  HD3  sing N N 29  
ARG NE  CZ   sing N N 30  
ARG NE  HE   sing N N 31  
ARG CZ  NH1  sing N N 32  
ARG CZ  NH2  doub N N 33  
ARG NH1 HH11 sing N N 34  
ARG NH1 HH12 sing N N 35  
ARG NH2 HH21 sing N N 36  
ARG NH2 HH22 sing N N 37  
ARG OXT HXT  sing N N 38  
ASN N   CA   sing N N 39  
ASN N   H    sing N N 40  
ASN N   H2   sing N N 41  
ASN CA  C    sing N N 42  
ASN CA  CB   sing N N 43  
ASN CA  HA   sing N N 44  
ASN C   O    doub N N 45  
ASN C   OXT  sing N N 46  
ASN CB  CG   sing N N 47  
ASN CB  HB2  sing N N 48  
ASN CB  HB3  sing N N 49  
ASN CG  OD1  doub N N 50  
ASN CG  ND2  sing N N 51  
ASN ND2 HD21 sing N N 52  
ASN ND2 HD22 sing N N 53  
ASN OXT HXT  sing N N 54  
ASP N   CA   sing N N 55  
ASP N   H    sing N N 56  
ASP N   H2   sing N N 57  
ASP CA  C    sing N N 58  
ASP CA  CB   sing N N 59  
ASP CA  HA   sing N N 60  
ASP C   O    doub N N 61  
ASP C   OXT  sing N N 62  
ASP CB  CG   sing N N 63  
ASP CB  HB2  sing N N 64  
ASP CB  HB3  sing N N 65  
ASP CG  OD1  doub N N 66  
ASP CG  OD2  sing N N 67  
ASP OD2 HD2  sing N N 68  
ASP OXT HXT  sing N N 69  
CYS N   CA   sing N N 70  
CYS N   H    sing N N 71  
CYS N   H2   sing N N 72  
CYS CA  C    sing N N 73  
CYS CA  CB   sing N N 74  
CYS CA  HA   sing N N 75  
CYS C   O    doub N N 76  
CYS C   OXT  sing N N 77  
CYS CB  SG   sing N N 78  
CYS CB  HB2  sing N N 79  
CYS CB  HB3  sing N N 80  
CYS SG  HG   sing N N 81  
CYS OXT HXT  sing N N 82  
GLN N   CA   sing N N 83  
GLN N   H    sing N N 84  
GLN N   H2   sing N N 85  
GLN CA  C    sing N N 86  
GLN CA  CB   sing N N 87  
GLN CA  HA   sing N N 88  
GLN C   O    doub N N 89  
GLN C   OXT  sing N N 90  
GLN CB  CG   sing N N 91  
GLN CB  HB2  sing N N 92  
GLN CB  HB3  sing N N 93  
GLN CG  CD   sing N N 94  
GLN CG  HG2  sing N N 95  
GLN CG  HG3  sing N N 96  
GLN CD  OE1  doub N N 97  
GLN CD  NE2  sing N N 98  
GLN NE2 HE21 sing N N 99  
GLN NE2 HE22 sing N N 100 
GLN OXT HXT  sing N N 101 
GLU N   CA   sing N N 102 
GLU N   H    sing N N 103 
GLU N   H2   sing N N 104 
GLU CA  C    sing N N 105 
GLU CA  CB   sing N N 106 
GLU CA  HA   sing N N 107 
GLU C   O    doub N N 108 
GLU C   OXT  sing N N 109 
GLU CB  CG   sing N N 110 
GLU CB  HB2  sing N N 111 
GLU CB  HB3  sing N N 112 
GLU CG  CD   sing N N 113 
GLU CG  HG2  sing N N 114 
GLU CG  HG3  sing N N 115 
GLU CD  OE1  doub N N 116 
GLU CD  OE2  sing N N 117 
GLU OE2 HE2  sing N N 118 
GLU OXT HXT  sing N N 119 
GLY N   CA   sing N N 120 
GLY N   H    sing N N 121 
GLY N   H2   sing N N 122 
GLY CA  C    sing N N 123 
GLY CA  HA2  sing N N 124 
GLY CA  HA3  sing N N 125 
GLY C   O    doub N N 126 
GLY C   OXT  sing N N 127 
GLY OXT HXT  sing N N 128 
HIS N   CA   sing N N 129 
HIS N   H    sing N N 130 
HIS N   H2   sing N N 131 
HIS CA  C    sing N N 132 
HIS CA  CB   sing N N 133 
HIS CA  HA   sing N N 134 
HIS C   O    doub N N 135 
HIS C   OXT  sing N N 136 
HIS CB  CG   sing N N 137 
HIS CB  HB2  sing N N 138 
HIS CB  HB3  sing N N 139 
HIS CG  ND1  sing Y N 140 
HIS CG  CD2  doub Y N 141 
HIS ND1 CE1  doub Y N 142 
HIS ND1 HD1  sing N N 143 
HIS CD2 NE2  sing Y N 144 
HIS CD2 HD2  sing N N 145 
HIS CE1 NE2  sing Y N 146 
HIS CE1 HE1  sing N N 147 
HIS NE2 HE2  sing N N 148 
HIS OXT HXT  sing N N 149 
ILE N   CA   sing N N 150 
ILE N   H    sing N N 151 
ILE N   H2   sing N N 152 
ILE CA  C    sing N N 153 
ILE CA  CB   sing N N 154 
ILE CA  HA   sing N N 155 
ILE C   O    doub N N 156 
ILE C   OXT  sing N N 157 
ILE CB  CG1  sing N N 158 
ILE CB  CG2  sing N N 159 
ILE CB  HB   sing N N 160 
ILE CG1 CD1  sing N N 161 
ILE CG1 HG12 sing N N 162 
ILE CG1 HG13 sing N N 163 
ILE CG2 HG21 sing N N 164 
ILE CG2 HG22 sing N N 165 
ILE CG2 HG23 sing N N 166 
ILE CD1 HD11 sing N N 167 
ILE CD1 HD12 sing N N 168 
ILE CD1 HD13 sing N N 169 
ILE OXT HXT  sing N N 170 
LEU N   CA   sing N N 171 
LEU N   H    sing N N 172 
LEU N   H2   sing N N 173 
LEU CA  C    sing N N 174 
LEU CA  CB   sing N N 175 
LEU CA  HA   sing N N 176 
LEU C   O    doub N N 177 
LEU C   OXT  sing N N 178 
LEU CB  CG   sing N N 179 
LEU CB  HB2  sing N N 180 
LEU CB  HB3  sing N N 181 
LEU CG  CD1  sing N N 182 
LEU CG  CD2  sing N N 183 
LEU CG  HG   sing N N 184 
LEU CD1 HD11 sing N N 185 
LEU CD1 HD12 sing N N 186 
LEU CD1 HD13 sing N N 187 
LEU CD2 HD21 sing N N 188 
LEU CD2 HD22 sing N N 189 
LEU CD2 HD23 sing N N 190 
LEU OXT HXT  sing N N 191 
LYS N   CA   sing N N 192 
LYS N   H    sing N N 193 
LYS N   H2   sing N N 194 
LYS CA  C    sing N N 195 
LYS CA  CB   sing N N 196 
LYS CA  HA   sing N N 197 
LYS C   O    doub N N 198 
LYS C   OXT  sing N N 199 
LYS CB  CG   sing N N 200 
LYS CB  HB2  sing N N 201 
LYS CB  HB3  sing N N 202 
LYS CG  CD   sing N N 203 
LYS CG  HG2  sing N N 204 
LYS CG  HG3  sing N N 205 
LYS CD  CE   sing N N 206 
LYS CD  HD2  sing N N 207 
LYS CD  HD3  sing N N 208 
LYS CE  NZ   sing N N 209 
LYS CE  HE2  sing N N 210 
LYS CE  HE3  sing N N 211 
LYS NZ  HZ1  sing N N 212 
LYS NZ  HZ2  sing N N 213 
LYS NZ  HZ3  sing N N 214 
LYS OXT HXT  sing N N 215 
MET N   CA   sing N N 216 
MET N   H    sing N N 217 
MET N   H2   sing N N 218 
MET CA  C    sing N N 219 
MET CA  CB   sing N N 220 
MET CA  HA   sing N N 221 
MET C   O    doub N N 222 
MET C   OXT  sing N N 223 
MET CB  CG   sing N N 224 
MET CB  HB2  sing N N 225 
MET CB  HB3  sing N N 226 
MET CG  SD   sing N N 227 
MET CG  HG2  sing N N 228 
MET CG  HG3  sing N N 229 
MET SD  CE   sing N N 230 
MET CE  HE1  sing N N 231 
MET CE  HE2  sing N N 232 
MET CE  HE3  sing N N 233 
MET OXT HXT  sing N N 234 
PHE N   CA   sing N N 235 
PHE N   H    sing N N 236 
PHE N   H2   sing N N 237 
PHE CA  C    sing N N 238 
PHE CA  CB   sing N N 239 
PHE CA  HA   sing N N 240 
PHE C   O    doub N N 241 
PHE C   OXT  sing N N 242 
PHE CB  CG   sing N N 243 
PHE CB  HB2  sing N N 244 
PHE CB  HB3  sing N N 245 
PHE CG  CD1  doub Y N 246 
PHE CG  CD2  sing Y N 247 
PHE CD1 CE1  sing Y N 248 
PHE CD1 HD1  sing N N 249 
PHE CD2 CE2  doub Y N 250 
PHE CD2 HD2  sing N N 251 
PHE CE1 CZ   doub Y N 252 
PHE CE1 HE1  sing N N 253 
PHE CE2 CZ   sing Y N 254 
PHE CE2 HE2  sing N N 255 
PHE CZ  HZ   sing N N 256 
PHE OXT HXT  sing N N 257 
PRO N   CA   sing N N 258 
PRO N   CD   sing N N 259 
PRO N   H    sing N N 260 
PRO CA  C    sing N N 261 
PRO CA  CB   sing N N 262 
PRO CA  HA   sing N N 263 
PRO C   O    doub N N 264 
PRO C   OXT  sing N N 265 
PRO CB  CG   sing N N 266 
PRO CB  HB2  sing N N 267 
PRO CB  HB3  sing N N 268 
PRO CG  CD   sing N N 269 
PRO CG  HG2  sing N N 270 
PRO CG  HG3  sing N N 271 
PRO CD  HD2  sing N N 272 
PRO CD  HD3  sing N N 273 
PRO OXT HXT  sing N N 274 
SER N   CA   sing N N 275 
SER N   H    sing N N 276 
SER N   H2   sing N N 277 
SER CA  C    sing N N 278 
SER CA  CB   sing N N 279 
SER CA  HA   sing N N 280 
SER C   O    doub N N 281 
SER C   OXT  sing N N 282 
SER CB  OG   sing N N 283 
SER CB  HB2  sing N N 284 
SER CB  HB3  sing N N 285 
SER OG  HG   sing N N 286 
SER OXT HXT  sing N N 287 
THR N   CA   sing N N 288 
THR N   H    sing N N 289 
THR N   H2   sing N N 290 
THR CA  C    sing N N 291 
THR CA  CB   sing N N 292 
THR CA  HA   sing N N 293 
THR C   O    doub N N 294 
THR C   OXT  sing N N 295 
THR CB  OG1  sing N N 296 
THR CB  CG2  sing N N 297 
THR CB  HB   sing N N 298 
THR OG1 HG1  sing N N 299 
THR CG2 HG21 sing N N 300 
THR CG2 HG22 sing N N 301 
THR CG2 HG23 sing N N 302 
THR OXT HXT  sing N N 303 
TRP N   CA   sing N N 304 
TRP N   H    sing N N 305 
TRP N   H2   sing N N 306 
TRP CA  C    sing N N 307 
TRP CA  CB   sing N N 308 
TRP CA  HA   sing N N 309 
TRP C   O    doub N N 310 
TRP C   OXT  sing N N 311 
TRP CB  CG   sing N N 312 
TRP CB  HB2  sing N N 313 
TRP CB  HB3  sing N N 314 
TRP CG  CD1  doub Y N 315 
TRP CG  CD2  sing Y N 316 
TRP CD1 NE1  sing Y N 317 
TRP CD1 HD1  sing N N 318 
TRP CD2 CE2  doub Y N 319 
TRP CD2 CE3  sing Y N 320 
TRP NE1 CE2  sing Y N 321 
TRP NE1 HE1  sing N N 322 
TRP CE2 CZ2  sing Y N 323 
TRP CE3 CZ3  doub Y N 324 
TRP CE3 HE3  sing N N 325 
TRP CZ2 CH2  doub Y N 326 
TRP CZ2 HZ2  sing N N 327 
TRP CZ3 CH2  sing Y N 328 
TRP CZ3 HZ3  sing N N 329 
TRP CH2 HH2  sing N N 330 
TRP OXT HXT  sing N N 331 
TYR N   CA   sing N N 332 
TYR N   H    sing N N 333 
TYR N   H2   sing N N 334 
TYR CA  C    sing N N 335 
TYR CA  CB   sing N N 336 
TYR CA  HA   sing N N 337 
TYR C   O    doub N N 338 
TYR C   OXT  sing N N 339 
TYR CB  CG   sing N N 340 
TYR CB  HB2  sing N N 341 
TYR CB  HB3  sing N N 342 
TYR CG  CD1  doub Y N 343 
TYR CG  CD2  sing Y N 344 
TYR CD1 CE1  sing Y N 345 
TYR CD1 HD1  sing N N 346 
TYR CD2 CE2  doub Y N 347 
TYR CD2 HD2  sing N N 348 
TYR CE1 CZ   doub Y N 349 
TYR CE1 HE1  sing N N 350 
TYR CE2 CZ   sing Y N 351 
TYR CE2 HE2  sing N N 352 
TYR CZ  OH   sing N N 353 
TYR OH  HH   sing N N 354 
TYR OXT HXT  sing N N 355 
VAL N   CA   sing N N 356 
VAL N   H    sing N N 357 
VAL N   H2   sing N N 358 
VAL CA  C    sing N N 359 
VAL CA  CB   sing N N 360 
VAL CA  HA   sing N N 361 
VAL C   O    doub N N 362 
VAL C   OXT  sing N N 363 
VAL CB  CG1  sing N N 364 
VAL CB  CG2  sing N N 365 
VAL CB  HB   sing N N 366 
VAL CG1 HG11 sing N N 367 
VAL CG1 HG12 sing N N 368 
VAL CG1 HG13 sing N N 369 
VAL CG2 HG21 sing N N 370 
VAL CG2 HG22 sing N N 371 
VAL CG2 HG23 sing N N 372 
VAL OXT HXT  sing N N 373 
# 
_atom_sites.entry_id                    1CDZ 
_atom_sites.fract_transf_matrix[1][1]   0.01030405 
_atom_sites.fract_transf_matrix[1][2]   0.00500614 
_atom_sites.fract_transf_matrix[1][3]   -0.00003575 
_atom_sites.fract_transf_matrix[2][1]   0.00926904 
_atom_sites.fract_transf_matrix[2][2]   -0.00594907 
_atom_sites.fract_transf_matrix[2][3]   0.00314809 
_atom_sites.fract_transf_matrix[3][1]   0.00188694 
_atom_sites.fract_transf_matrix[3][2]   -0.00397720 
_atom_sites.fract_transf_matrix[3][3]   -0.01307166 
_atom_sites.fract_transf_vector[1]      0.556777 
_atom_sites.fract_transf_vector[2]      -0.084228 
_atom_sites.fract_transf_vector[3]      0.206398 
# 
loop_
_atom_type.symbol 
C 
N 
O 
S 
# 
loop_
_atom_site.group_PDB 
_atom_site.id 
_atom_site.type_symbol 
_atom_site.label_atom_id 
_atom_site.label_alt_id 
_atom_site.label_comp_id 
_atom_site.label_asym_id 
_atom_site.label_entity_id 
_atom_site.label_seq_id 
_atom_site.pdbx_PDB_ins_code 
_atom_site.Cartn_x 
_atom_site.Cartn_y 
_atom_site.Cartn_z 
_atom_site.occupancy 
_atom_site.B_iso_or_equiv 
_atom_site.pdbx_formal_charge 
_atom_site.auth_seq_id 
_atom_site.auth_comp_id 
_atom_site.auth_asym_id 
_atom_site.auth_atom_id 
_atom_site.pdbx_PDB_model_num 
ATOM 1   N N   . GLU A 1 1  ? -6.832  -13.487 18.342  1.00 74.96  ? 1  GLU A N   1 
ATOM 2   C CA  . GLU A 1 1  ? -6.233  -13.882 17.027  1.00 74.96  ? 1  GLU A CA  1 
ATOM 3   C C   . GLU A 1 1  ? -5.769  -12.699 16.141  1.00 74.96  ? 1  GLU A C   1 
ATOM 4   O O   . GLU A 1 1  ? -5.295  -11.652 16.625  1.00 102.45 ? 1  GLU A O   1 
ATOM 5   C CB  . GLU A 1 1  ? -7.201  -14.832 16.256  1.00 102.45 ? 1  GLU A CB  1 
ATOM 6   C CG  . GLU A 1 1  ? -8.165  -14.220 15.191  1.00 102.45 ? 1  GLU A CG  1 
ATOM 7   C CD  . GLU A 1 1  ? -8.945  -13.007 15.694  1.00 102.45 ? 1  GLU A CD  1 
ATOM 8   O OE1 . GLU A 1 1  ? -9.959  -13.212 16.396  1.00 102.45 ? 1  GLU A OE1 1 
ATOM 9   O OE2 . GLU A 1 1  ? -8.553  -11.849 15.393  1.00 102.45 ? 1  GLU A OE2 1 
ATOM 10  N N   . LEU A 1 2  ? -5.905  -12.910 14.836  1.00 64.85  ? 2  LEU A N   1 
ATOM 11  C CA  . LEU A 1 2  ? -5.524  -11.955 13.833  1.00 64.85  ? 2  LEU A CA  1 
ATOM 12  C C   . LEU A 1 2  ? -6.606  -11.011 13.396  1.00 64.85  ? 2  LEU A C   1 
ATOM 13  O O   . LEU A 1 2  ? -7.626  -11.419 12.818  1.00 39.52  ? 2  LEU A O   1 
ATOM 14  C CB  . LEU A 1 2  ? -4.979  -12.669 12.600  1.00 39.52  ? 2  LEU A CB  1 
ATOM 15  C CG  . LEU A 1 2  ? -3.676  -13.416 12.832  1.00 39.52  ? 2  LEU A CG  1 
ATOM 16  C CD1 . LEU A 1 2  ? -3.070  -13.715 11.496  1.00 39.52  ? 2  LEU A CD1 1 
ATOM 17  C CD2 . LEU A 1 2  ? -2.729  -12.572 13.682  1.00 39.52  ? 2  LEU A CD2 1 
ATOM 18  N N   . PRO A 1 3  ? -6.371  -9.720  13.638  1.00 50.83  ? 3  PRO A N   1 
ATOM 19  C CA  . PRO A 1 3  ? -7.269  -8.626  13.289  1.00 50.83  ? 3  PRO A CA  1 
ATOM 20  C C   . PRO A 1 3  ? -7.272  -8.606  11.782  1.00 50.83  ? 3  PRO A C   1 
ATOM 21  O O   . PRO A 1 3  ? -6.228  -8.815  11.161  1.00 41.98  ? 3  PRO A O   1 
ATOM 22  C CB  . PRO A 1 3  ? -6.531  -7.411  13.827  1.00 41.98  ? 3  PRO A CB  1 
ATOM 23  C CG  . PRO A 1 3  ? -5.079  -7.813  13.714  1.00 41.98  ? 3  PRO A CG  1 
ATOM 24  C CD  . PRO A 1 3  ? -5.129  -9.210  14.241  1.00 41.98  ? 3  PRO A CD  1 
ATOM 25  N N   . ASP A 1 4  ? -8.437  -8.393  11.185  1.00 33.71  ? 4  ASP A N   1 
ATOM 26  C CA  . ASP A 1 4  ? -8.492  -8.375  9.728   1.00 33.71  ? 4  ASP A CA  1 
ATOM 27  C C   . ASP A 1 4  ? -8.936  -7.078  9.046   1.00 33.71  ? 4  ASP A C   1 
ATOM 28  O O   . ASP A 1 4  ? -9.744  -7.103  8.110   1.00 63.53  ? 4  ASP A O   1 
ATOM 29  C CB  . ASP A 1 4  ? -9.242  -9.608  9.158   1.00 63.53  ? 4  ASP A CB  1 
ATOM 30  C CG  . ASP A 1 4  ? -10.433 -10.058 10.009  1.00 63.53  ? 4  ASP A CG  1 
ATOM 31  O OD1 . ASP A 1 4  ? -11.201 -9.195  10.528  1.00 63.53  ? 4  ASP A OD1 1 
ATOM 32  O OD2 . ASP A 1 4  ? -10.595 -11.303 10.122  1.00 63.53  ? 4  ASP A OD2 1 
ATOM 33  N N   . PHE A 1 5  ? -8.283  -5.975  9.419   1.00 35.51  ? 5  PHE A N   1 
ATOM 34  C CA  . PHE A 1 5  ? -8.625  -4.684  8.852   1.00 35.51  ? 5  PHE A CA  1 
ATOM 35  C C   . PHE A 1 5  ? -8.350  -4.434  7.415   1.00 35.51  ? 5  PHE A C   1 
ATOM 36  O O   . PHE A 1 5  ? -8.950  -3.534  6.826   1.00 29.52  ? 5  PHE A O   1 
ATOM 37  C CB  . PHE A 1 5  ? -8.137  -3.511  9.660   1.00 29.52  ? 5  PHE A CB  1 
ATOM 38  C CG  . PHE A 1 5  ? -6.873  -3.732  10.371  1.00 29.52  ? 5  PHE A CG  1 
ATOM 39  C CD1 . PHE A 1 5  ? -5.683  -3.640  9.710   1.00 29.52  ? 5  PHE A CD1 1 
ATOM 40  C CD2 . PHE A 1 5  ? -6.873  -3.838  11.762  1.00 29.52  ? 5  PHE A CD2 1 
ATOM 41  C CE1 . PHE A 1 5  ? -4.490  -3.623  10.423  1.00 29.52  ? 5  PHE A CE1 1 
ATOM 42  C CE2 . PHE A 1 5  ? -5.702  -3.826  12.493  1.00 29.52  ? 5  PHE A CE2 1 
ATOM 43  C CZ  . PHE A 1 5  ? -4.499  -3.712  11.825  1.00 29.52  ? 5  PHE A CZ  1 
ATOM 44  N N   . PHE A 1 6  ? -7.465  -5.213  6.826   1.00 12.76  ? 6  PHE A N   1 
ATOM 45  C CA  . PHE A 1 6  ? -7.210  -5.023  5.395   1.00 12.76  ? 6  PHE A CA  1 
ATOM 46  C C   . PHE A 1 6  ? -8.201  -5.844  4.566   1.00 12.76  ? 6  PHE A C   1 
ATOM 47  O O   . PHE A 1 6  ? -8.065  -5.971  3.337   1.00 45.59  ? 6  PHE A O   1 
ATOM 48  C CB  . PHE A 1 6  ? -5.742  -5.311  5.018   1.00 45.59  ? 6  PHE A CB  1 
ATOM 49  C CG  . PHE A 1 6  ? -4.768  -4.290  5.549   1.00 45.59  ? 6  PHE A CG  1 
ATOM 50  C CD1 . PHE A 1 6  ? -5.126  -3.431  6.575   1.00 45.59  ? 6  PHE A CD1 1 
ATOM 51  C CD2 . PHE A 1 6  ? -3.500  -4.199  5.032   1.00 45.59  ? 6  PHE A CD2 1 
ATOM 52  C CE1 . PHE A 1 6  ? -4.232  -2.505  7.073   1.00 45.59  ? 6  PHE A CE1 1 
ATOM 53  C CE2 . PHE A 1 6  ? -2.595  -3.268  5.530   1.00 45.59  ? 6  PHE A CE2 1 
ATOM 54  C CZ  . PHE A 1 6  ? -2.967  -2.421  6.554   1.00 45.59  ? 6  PHE A CZ  1 
ATOM 55  N N   . GLN A 1 7  ? -9.217  -6.340  5.272   1.00 18.40  ? 7  GLN A N   1 
ATOM 56  C CA  . GLN A 1 7  ? -10.300 -7.125  4.710   1.00 18.40  ? 7  GLN A CA  1 
ATOM 57  C C   . GLN A 1 7  ? -10.296 -7.407  3.210   1.00 18.40  ? 7  GLN A C   1 
ATOM 58  O O   . GLN A 1 7  ? -9.841  -8.474  2.773   1.00 89.61  ? 7  GLN A O   1 
ATOM 59  C CB  . GLN A 1 7  ? -11.656 -6.517  5.101   1.00 89.61  ? 7  GLN A CB  1 
ATOM 60  C CG  . GLN A 1 7  ? -12.283 -7.139  6.349   1.00 89.61  ? 7  GLN A CG  1 
ATOM 61  C CD  . GLN A 1 7  ? -12.321 -8.662  6.284   1.00 89.61  ? 7  GLN A CD  1 
ATOM 62  O OE1 . GLN A 1 7  ? -12.413 -9.244  5.199   1.00 89.61  ? 7  GLN A OE1 1 
ATOM 63  N NE2 . GLN A 1 7  ? -12.238 -9.313  7.446   1.00 89.61  ? 7  GLN A NE2 1 
ATOM 64  N N   . GLY A 1 8  ? -10.796 -6.469  2.419   1.00 28.11  ? 8  GLY A N   1 
ATOM 65  C CA  . GLY A 1 8  ? -10.855 -6.727  0.992   1.00 28.11  ? 8  GLY A CA  1 
ATOM 66  C C   . GLY A 1 8  ? -10.131 -5.698  0.182   1.00 28.11  ? 8  GLY A C   1 
ATOM 67  O O   . GLY A 1 8  ? -10.511 -5.393  -0.956  1.00 55.22  ? 8  GLY A O   1 
ATOM 68  N N   . LYS A 1 9  ? -9.038  -5.218  0.764   1.00 22.64  ? 9  LYS A N   1 
ATOM 69  C CA  . LYS A 1 9  ? -8.230  -4.199  0.145   1.00 22.64  ? 9  LYS A CA  1 
ATOM 70  C C   . LYS A 1 9  ? -7.009  -4.784  -0.536  1.00 22.64  ? 9  LYS A C   1 
ATOM 71  O O   . LYS A 1 9  ? -6.287  -5.561  0.044   1.00 37.27  ? 9  LYS A O   1 
ATOM 72  C CB  . LYS A 1 9  ? -7.842  -3.185  1.212   1.00 37.27  ? 9  LYS A CB  1 
ATOM 73  C CG  . LYS A 1 9  ? -9.001  -2.805  2.109   1.00 37.27  ? 9  LYS A CG  1 
ATOM 74  C CD  . LYS A 1 9  ? -8.556  -1.799  3.143   1.00 37.27  ? 9  LYS A CD  1 
ATOM 75  C CE  . LYS A 1 9  ? -9.624  -1.537  4.187   1.00 37.27  ? 9  LYS A CE  1 
ATOM 76  N NZ  . LYS A 1 9  ? -10.921 -1.083  3.573   1.00 37.27  ? 9  LYS A NZ  1 
ATOM 77  N N   . HIS A 1 10 ? -6.815  -4.428  -1.791  1.00 17.02  ? 10 HIS A N   1 
ATOM 78  C CA  . HIS A 1 10 ? -5.675  -4.881  -2.563  1.00 17.02  ? 10 HIS A CA  1 
ATOM 79  C C   . HIS A 1 10 ? -4.499  -3.948  -2.547  1.00 17.02  ? 10 HIS A C   1 
ATOM 80  O O   . HIS A 1 10 ? -4.635  -2.723  -2.655  1.00 29.94  ? 10 HIS A O   1 
ATOM 81  C CB  . HIS A 1 10 ? -6.087  -5.147  -3.983  1.00 29.94  ? 10 HIS A CB  1 
ATOM 82  C CG  . HIS A 1 10 ? -7.219  -6.099  -4.055  1.00 29.94  ? 10 HIS A CG  1 
ATOM 83  N ND1 . HIS A 1 10 ? -8.185  -6.147  -3.070  1.00 29.94  ? 10 HIS A ND1 1 
ATOM 84  C CD2 . HIS A 1 10 ? -7.520  -7.075  -4.939  1.00 29.94  ? 10 HIS A CD2 1 
ATOM 85  C CE1 . HIS A 1 10 ? -9.039  -7.115  -3.349  1.00 29.94  ? 10 HIS A CE1 1 
ATOM 86  N NE2 . HIS A 1 10 ? -8.658  -7.694  -4.477  1.00 29.94  ? 10 HIS A NE2 1 
ATOM 87  N N   . PHE A 1 11 ? -3.322  -4.540  -2.411  1.00 20.50  ? 11 PHE A N   1 
ATOM 88  C CA  . PHE A 1 11 ? -2.126  -3.751  -2.383  1.00 20.50  ? 11 PHE A CA  1 
ATOM 89  C C   . PHE A 1 11 ? -1.175  -4.055  -3.468  1.00 20.50  ? 11 PHE A C   1 
ATOM 90  O O   . PHE A 1 11 ? -1.297  -5.050  -4.153  1.00 9.71   ? 11 PHE A O   1 
ATOM 91  C CB  . PHE A 1 11 ? -1.440  -3.925  -1.098  1.00 9.71   ? 11 PHE A CB  1 
ATOM 92  C CG  . PHE A 1 11 ? -2.270  -3.555  0.041   1.00 9.71   ? 11 PHE A CG  1 
ATOM 93  C CD1 . PHE A 1 11 ? -3.426  -4.261  0.314   1.00 9.71   ? 11 PHE A CD1 1 
ATOM 94  C CD2 . PHE A 1 11 ? -1.852  -2.559  0.902   1.00 9.71   ? 11 PHE A CD2 1 
ATOM 95  C CE1 . PHE A 1 11 ? -4.158  -4.002  1.433   1.00 9.71   ? 11 PHE A CE1 1 
ATOM 96  C CE2 . PHE A 1 11 ? -2.571  -2.283  2.036   1.00 9.71   ? 11 PHE A CE2 1 
ATOM 97  C CZ  . PHE A 1 11 ? -3.743  -3.017  2.310   1.00 9.71   ? 11 PHE A CZ  1 
ATOM 98  N N   . PHE A 1 12 ? -0.256  -3.130  -3.663  1.00 25.15  ? 12 PHE A N   1 
ATOM 99  C CA  . PHE A 1 12 ? 0.748   -3.285  -4.665  1.00 25.15  ? 12 PHE A CA  1 
ATOM 100 C C   . PHE A 1 12 ? 1.957   -2.599  -4.155  1.00 25.15  ? 12 PHE A C   1 
ATOM 101 O O   . PHE A 1 12 ? 1.899   -1.453  -3.726  1.00 26.84  ? 12 PHE A O   1 
ATOM 102 C CB  . PHE A 1 12 ? 0.341   -2.651  -5.935  1.00 26.84  ? 12 PHE A CB  1 
ATOM 103 C CG  . PHE A 1 12 ? 1.250   -2.967  -7.018  1.00 26.84  ? 12 PHE A CG  1 
ATOM 104 C CD1 . PHE A 1 12 ? 1.270   -4.231  -7.554  1.00 26.84  ? 12 PHE A CD1 1 
ATOM 105 C CD2 . PHE A 1 12 ? 2.077   -2.016  -7.540  1.00 26.84  ? 12 PHE A CD2 1 
ATOM 106 C CE1 . PHE A 1 12 ? 2.105   -4.546  -8.619  1.00 26.84  ? 12 PHE A CE1 1 
ATOM 107 C CE2 . PHE A 1 12 ? 2.917   -2.321  -8.607  1.00 26.84  ? 12 PHE A CE2 1 
ATOM 108 C CZ  . PHE A 1 12 ? 2.929   -3.587  -9.148  1.00 26.84  ? 12 PHE A CZ  1 
ATOM 109 N N   . LEU A 1 13 ? 3.051   -3.340  -4.112  1.00 23.99  ? 13 LEU A N   1 
ATOM 110 C CA  . LEU A 1 13 ? 4.276   -2.767  -3.616  1.00 23.99  ? 13 LEU A CA  1 
ATOM 111 C C   . LEU A 1 13 ? 4.909   -2.271  -4.875  1.00 23.99  ? 13 LEU A C   1 
ATOM 112 O O   . LEU A 1 13 ? 5.168   -3.060  -5.790  1.00 26.00  ? 13 LEU A O   1 
ATOM 113 C CB  . LEU A 1 13 ? 5.093   -3.838  -2.934  1.00 26.00  ? 13 LEU A CB  1 
ATOM 114 C CG  . LEU A 1 13 ? 4.274   -4.591  -1.880  1.00 26.00  ? 13 LEU A CG  1 
ATOM 115 C CD1 . LEU A 1 13 ? 5.153   -4.894  -0.701  1.00 26.00  ? 13 LEU A CD1 1 
ATOM 116 C CD2 . LEU A 1 13 ? 3.133   -3.758  -1.353  1.00 26.00  ? 13 LEU A CD2 1 
ATOM 117 N N   . TYR A 1 14 ? 5.050   -0.955  -4.978  1.00 34.72  ? 14 TYR A N   1 
ATOM 118 C CA  . TYR A 1 14 ? 5.601   -0.398  -6.193  1.00 34.72  ? 14 TYR A CA  1 
ATOM 119 C C   . TYR A 1 14 ? 7.093   -0.265  -6.208  1.00 34.72  ? 14 TYR A C   1 
ATOM 120 O O   . TYR A 1 14 ? 7.791   -0.701  -7.164  1.00 23.49  ? 14 TYR A O   1 
ATOM 121 C CB  . TYR A 1 14 ? 5.012   0.963   -6.496  1.00 23.49  ? 14 TYR A CB  1 
ATOM 122 C CG  . TYR A 1 14 ? 5.445   1.459   -7.845  1.00 23.49  ? 14 TYR A CG  1 
ATOM 123 C CD1 . TYR A 1 14 ? 4.975   0.839   -8.988  1.00 23.49  ? 14 TYR A CD1 1 
ATOM 124 C CD2 . TYR A 1 14 ? 6.390   2.480   -7.978  1.00 23.49  ? 14 TYR A CD2 1 
ATOM 125 C CE1 . TYR A 1 14 ? 5.425   1.191   -10.244 1.00 23.49  ? 14 TYR A CE1 1 
ATOM 126 C CE2 . TYR A 1 14 ? 6.865   2.857   -9.243  1.00 23.49  ? 14 TYR A CE2 1 
ATOM 127 C CZ  . TYR A 1 14 ? 6.375   2.194   -10.384 1.00 23.49  ? 14 TYR A CZ  1 
ATOM 128 O OH  . TYR A 1 14 ? 6.840   2.473   -11.669 1.00 23.49  ? 14 TYR A OH  1 
ATOM 129 N N   . GLY A 1 15 ? 7.591   0.359   -5.157  1.00 37.84  ? 15 GLY A N   1 
ATOM 130 C CA  . GLY A 1 15 ? 9.015   0.573   -5.106  1.00 37.84  ? 15 GLY A CA  1 
ATOM 131 C C   . GLY A 1 15 ? 10.036  -0.518  -5.455  1.00 37.84  ? 15 GLY A C   1 
ATOM 132 O O   . GLY A 1 15 ? 9.829   -1.513  -6.179  1.00 61.88  ? 15 GLY A O   1 
ATOM 133 N N   . GLU A 1 16 ? 11.228  -0.145  -5.012  1.00 41.00  ? 16 GLU A N   1 
ATOM 134 C CA  . GLU A 1 16 ? 12.453  -0.883  -5.059  1.00 41.00  ? 16 GLU A CA  1 
ATOM 135 C C   . GLU A 1 16 ? 12.417  -0.959  -3.548  1.00 41.00  ? 16 GLU A C   1 
ATOM 136 O O   . GLU A 1 16 ? 12.331  0.063   -2.853  1.00 57.42  ? 16 GLU A O   1 
ATOM 137 C CB  . GLU A 1 16 ? 13.599  0.051   -5.447  1.00 57.42  ? 16 GLU A CB  1 
ATOM 138 C CG  . GLU A 1 16 ? 14.347  -0.220  -6.740  1.00 57.42  ? 16 GLU A CG  1 
ATOM 139 C CD  . GLU A 1 16 ? 15.767  0.384   -6.697  1.00 57.42  ? 16 GLU A CD  1 
ATOM 140 O OE1 . GLU A 1 16 ? 16.064  1.152   -5.743  1.00 57.42  ? 16 GLU A OE1 1 
ATOM 141 O OE2 . GLU A 1 16 ? 16.602  0.071   -7.587  1.00 57.42  ? 16 GLU A OE2 1 
ATOM 142 N N   . PHE A 1 17 ? 12.305  -2.150  -3.024  1.00 44.64  ? 17 PHE A N   1 
ATOM 143 C CA  . PHE A 1 17 ? 12.289  -2.214  -1.586  1.00 44.64  ? 17 PHE A CA  1 
ATOM 144 C C   . PHE A 1 17 ? 13.495  -3.013  -1.074  1.00 44.64  ? 17 PHE A C   1 
ATOM 145 O O   . PHE A 1 17 ? 13.959  -3.963  -1.752  1.00 35.82  ? 17 PHE A O   1 
ATOM 146 C CB  . PHE A 1 17 ? 11.022  -2.897  -1.093  1.00 35.82  ? 17 PHE A CB  1 
ATOM 147 C CG  . PHE A 1 17 ? 9.771   -2.133  -1.313  1.00 35.82  ? 17 PHE A CG  1 
ATOM 148 C CD1 . PHE A 1 17 ? 9.052   -2.300  -2.489  1.00 35.82  ? 17 PHE A CD1 1 
ATOM 149 C CD2 . PHE A 1 17 ? 9.247   -1.363  -0.290  1.00 35.82  ? 17 PHE A CD2 1 
ATOM 150 C CE1 . PHE A 1 17 ? 7.831   -1.722  -2.637  1.00 35.82  ? 17 PHE A CE1 1 
ATOM 151 C CE2 . PHE A 1 17 ? 8.035   -0.783  -0.425  1.00 35.82  ? 17 PHE A CE2 1 
ATOM 152 C CZ  . PHE A 1 17 ? 7.312   -0.961  -1.608  1.00 35.82  ? 17 PHE A CZ  1 
ATOM 153 N N   . PRO A 1 18 ? 13.975  -2.665  0.148   1.00 47.85  ? 18 PRO A N   1 
ATOM 154 C CA  . PRO A 1 18 ? 15.097  -3.235  0.909   1.00 47.85  ? 18 PRO A CA  1 
ATOM 155 C C   . PRO A 1 18 ? 14.941  -4.741  1.246   1.00 47.85  ? 18 PRO A C   1 
ATOM 156 O O   . PRO A 1 18 ? 15.169  -5.153  2.398   1.00 66.62  ? 18 PRO A O   1 
ATOM 157 C CB  . PRO A 1 18 ? 15.090  -2.396  2.187   1.00 66.62  ? 18 PRO A CB  1 
ATOM 158 C CG  . PRO A 1 18 ? 14.587  -1.072  1.720   1.00 66.62  ? 18 PRO A CG  1 
ATOM 159 C CD  . PRO A 1 18 ? 13.445  -1.473  0.841   1.00 66.62  ? 18 PRO A CD  1 
ATOM 160 N N   . GLY A 1 19 ? 14.557  -5.536  0.239   1.00 83.38  ? 19 GLY A N   1 
ATOM 161 C CA  . GLY A 1 19 ? 14.392  -6.971  0.396   1.00 83.38  ? 19 GLY A CA  1 
ATOM 162 C C   . GLY A 1 19 ? 13.500  -7.390  1.548   1.00 83.38  ? 19 GLY A C   1 
ATOM 163 O O   . GLY A 1 19 ? 12.313  -7.632  1.353   1.00 45.58  ? 19 GLY A O   1 
ATOM 164 N N   . ASP A 1 20 ? 14.063  -7.479  2.753   1.00 38.61  ? 20 ASP A N   1 
ATOM 165 C CA  . ASP A 1 20 ? 13.285  -7.878  3.917   1.00 38.61  ? 20 ASP A CA  1 
ATOM 166 C C   . ASP A 1 20 ? 12.105  -6.954  4.186   1.00 38.61  ? 20 ASP A C   1 
ATOM 167 O O   . ASP A 1 20 ? 11.203  -7.291  4.957   1.00 73.20  ? 20 ASP A O   1 
ATOM 168 C CB  . ASP A 1 20 ? 14.173  -8.026  5.172   1.00 73.20  ? 20 ASP A CB  1 
ATOM 169 C CG  . ASP A 1 20 ? 15.122  -6.844  5.382   1.00 73.20  ? 20 ASP A CG  1 
ATOM 170 O OD1 . ASP A 1 20 ? 14.648  -5.755  5.782   1.00 73.20  ? 20 ASP A OD1 1 
ATOM 171 O OD2 . ASP A 1 20 ? 16.351  -7.019  5.172   1.00 73.20  ? 20 ASP A OD2 1 
ATOM 172 N N   . GLU A 1 21 ? 12.090  -5.790  3.547   1.00 39.78  ? 21 GLU A N   1 
ATOM 173 C CA  . GLU A 1 21 ? 10.980  -4.887  3.770   1.00 39.78  ? 21 GLU A CA  1 
ATOM 174 C C   . GLU A 1 21 ? 9.794   -5.457  3.056   1.00 39.78  ? 21 GLU A C   1 
ATOM 175 O O   . GLU A 1 21 ? 8.742   -5.668  3.652   1.00 61.00  ? 21 GLU A O   1 
ATOM 176 C CB  . GLU A 1 21 ? 11.295  -3.495  3.277   1.00 61.00  ? 21 GLU A CB  1 
ATOM 177 C CG  . GLU A 1 21 ? 11.448  -2.527  4.422   1.00 61.00  ? 21 GLU A CG  1 
ATOM 178 C CD  . GLU A 1 21 ? 10.753  -1.194  4.162   1.00 61.00  ? 21 GLU A CD  1 
ATOM 179 O OE1 . GLU A 1 21 ? 10.928  -0.611  3.052   1.00 61.00  ? 21 GLU A OE1 1 
ATOM 180 O OE2 . GLU A 1 21 ? 10.032  -0.725  5.079   1.00 61.00  ? 21 GLU A OE2 1 
ATOM 181 N N   . ARG A 1 22 ? 9.997   -5.757  1.782   1.00 19.76  ? 22 ARG A N   1 
ATOM 182 C CA  . ARG A 1 22 ? 8.963   -6.362  0.977   1.00 19.76  ? 22 ARG A CA  1 
ATOM 183 C C   . ARG A 1 22 ? 8.318   -7.490  1.803   1.00 19.76  ? 22 ARG A C   1 
ATOM 184 O O   . ARG A 1 22 ? 7.105   -7.499  2.037   1.00 52.46  ? 22 ARG A O   1 
ATOM 185 C CB  . ARG A 1 22 ? 9.585   -6.907  -0.276  1.00 52.46  ? 22 ARG A CB  1 
ATOM 186 C CG  . ARG A 1 22 ? 8.671   -7.739  -1.051  1.00 52.46  ? 22 ARG A CG  1 
ATOM 187 C CD  . ARG A 1 22 ? 9.246   -7.916  -2.401  1.00 52.46  ? 22 ARG A CD  1 
ATOM 188 N NE  . ARG A 1 22 ? 9.490   -6.617  -3.013  1.00 52.46  ? 22 ARG A NE  1 
ATOM 189 C CZ  . ARG A 1 22 ? 8.897   -6.210  -4.136  1.00 52.46  ? 22 ARG A CZ  1 
ATOM 190 N NH1 . ARG A 1 22 ? 8.036   -7.032  -4.748  1.00 52.46  ? 22 ARG A NH1 1 
ATOM 191 N NH2 . ARG A 1 22 ? 9.140   -4.984  -4.635  1.00 52.46  ? 22 ARG A NH2 1 
ATOM 192 N N   . ARG A 1 23 ? 9.160   -8.343  2.370   1.00 27.27  ? 23 ARG A N   1 
ATOM 193 C CA  . ARG A 1 23 ? 8.709   -9.442  3.198   1.00 27.27  ? 23 ARG A CA  1 
ATOM 194 C C   . ARG A 1 23 ? 7.780   -8.941  4.290   1.00 27.27  ? 23 ARG A C   1 
ATOM 195 O O   . ARG A 1 23 ? 6.636   -9.374  4.391   1.00 88.32  ? 23 ARG A O   1 
ATOM 196 C CB  . ARG A 1 23 ? 9.921   -10.099 3.837   1.00 88.32  ? 23 ARG A CB  1 
ATOM 197 C CG  . ARG A 1 23 ? 10.182  -11.505 3.383   1.00 88.32  ? 23 ARG A CG  1 
ATOM 198 C CD  . ARG A 1 23 ? 9.874   -12.487 4.507   1.00 88.32  ? 23 ARG A CD  1 
ATOM 199 N NE  . ARG A 1 23 ? 11.042  -13.285 4.887   1.00 88.32  ? 23 ARG A NE  1 
ATOM 200 C CZ  . ARG A 1 23 ? 11.004  -14.324 5.717   1.00 88.32  ? 23 ARG A CZ  1 
ATOM 201 N NH1 . ARG A 1 23 ? 9.847   -14.695 6.262   1.00 88.32  ? 23 ARG A NH1 1 
ATOM 202 N NH2 . ARG A 1 23 ? 12.124  -14.994 5.996   1.00 88.32  ? 23 ARG A NH2 1 
ATOM 203 N N   . LYS A 1 24 ? 8.272   -7.979  5.066   1.00 19.87  ? 24 LYS A N   1 
ATOM 204 C CA  . LYS A 1 24 ? 7.516   -7.407  6.183   1.00 19.87  ? 24 LYS A CA  1 
ATOM 205 C C   . LYS A 1 24 ? 6.141   -6.992  5.719   1.00 19.87  ? 24 LYS A C   1 
ATOM 206 O O   . LYS A 1 24 ? 5.118   -7.364  6.289   1.00 77.10  ? 24 LYS A O   1 
ATOM 207 C CB  . LYS A 1 24 ? 8.232   -6.176  6.751   1.00 77.10  ? 24 LYS A CB  1 
ATOM 208 C CG  . LYS A 1 24 ? 9.454   -6.469  7.593   1.00 77.10  ? 24 LYS A CG  1 
ATOM 209 C CD  . LYS A 1 24 ? 9.296   -5.943  9.034   1.00 77.10  ? 24 LYS A CD  1 
ATOM 210 C CE  . LYS A 1 24 ? 9.709   -4.464  9.184   1.00 77.10  ? 24 LYS A CE  1 
ATOM 211 N NZ  . LYS A 1 24 ? 9.518   -3.919  10.577  1.00 77.10  ? 24 LYS A NZ  1 
ATOM 212 N N   . LEU A 1 25 ? 6.151   -6.251  4.625   1.00 22.47  ? 25 LEU A N   1 
ATOM 213 C CA  . LEU A 1 25 ? 4.951   -5.727  4.046   1.00 22.47  ? 25 LEU A CA  1 
ATOM 214 C C   . LEU A 1 25 ? 4.039   -6.852  3.809   1.00 22.47  ? 25 LEU A C   1 
ATOM 215 O O   . LEU A 1 25 ? 3.042   -6.994  4.512   1.00 23.07  ? 25 LEU A O   1 
ATOM 216 C CB  . LEU A 1 25 ? 5.273   -5.014  2.753   1.00 23.07  ? 25 LEU A CB  1 
ATOM 217 C CG  . LEU A 1 25 ? 6.041   -3.744  3.119   1.00 23.07  ? 25 LEU A CG  1 
ATOM 218 C CD1 . LEU A 1 25 ? 6.237   -2.930  1.869   1.00 23.07  ? 25 LEU A CD1 1 
ATOM 219 C CD2 . LEU A 1 25 ? 5.282   -2.939  4.201   1.00 23.07  ? 25 LEU A CD2 1 
ATOM 220 N N   . ILE A 1 26 ? 4.452   -7.715  2.895   1.00 10.92  ? 26 ILE A N   1 
ATOM 221 C CA  . ILE A 1 26 ? 3.660   -8.885  2.565   1.00 10.92  ? 26 ILE A CA  1 
ATOM 222 C C   . ILE A 1 26 ? 3.229   -9.631  3.800   1.00 10.92  ? 26 ILE A C   1 
ATOM 223 O O   . ILE A 1 26 ? 2.068   -10.077 3.886   1.00 2.00   ? 26 ILE A O   1 
ATOM 224 C CB  . ILE A 1 26 ? 4.423   -9.842  1.749   1.00 2.00   ? 26 ILE A CB  1 
ATOM 225 C CG1 . ILE A 1 26 ? 4.886   -9.141  0.496   1.00 2.00   ? 26 ILE A CG1 1 
ATOM 226 C CG2 . ILE A 1 26 ? 3.555   -10.979 1.395   1.00 2.00   ? 26 ILE A CG2 1 
ATOM 227 C CD1 . ILE A 1 26 ? 5.764   -9.992  -0.337  1.00 2.00   ? 26 ILE A CD1 1 
ATOM 228 N N   . ARG A 1 27 ? 4.157   -9.771  4.751   1.00 6.45   ? 27 ARG A N   1 
ATOM 229 C CA  . ARG A 1 27 ? 3.818   -10.460 5.979   1.00 6.45   ? 27 ARG A CA  1 
ATOM 230 C C   . ARG A 1 27 ? 2.631   -9.708  6.553   1.00 6.45   ? 27 ARG A C   1 
ATOM 231 O O   . ARG A 1 27 ? 1.492   -10.173 6.473   1.00 41.72  ? 27 ARG A O   1 
ATOM 232 C CB  . ARG A 1 27 ? 4.978   -10.486 6.971   1.00 41.72  ? 27 ARG A CB  1 
ATOM 233 C CG  . ARG A 1 27 ? 4.591   -11.222 8.238   1.00 41.72  ? 27 ARG A CG  1 
ATOM 234 C CD  . ARG A 1 27 ? 5.721   -11.436 9.198   1.00 41.72  ? 27 ARG A CD  1 
ATOM 235 N NE  . ARG A 1 27 ? 5.184   -11.908 10.465  1.00 41.72  ? 27 ARG A NE  1 
ATOM 236 C CZ  . ARG A 1 27 ? 5.780   -11.743 11.643  1.00 41.72  ? 27 ARG A CZ  1 
ATOM 237 N NH1 . ARG A 1 27 ? 6.951   -11.124 11.728  1.00 41.72  ? 27 ARG A NH1 1 
ATOM 238 N NH2 . ARG A 1 27 ? 5.170   -12.131 12.752  1.00 41.72  ? 27 ARG A NH2 1 
ATOM 239 N N   . TYR A 1 28 ? 2.882   -8.460  6.928   1.00 16.93  ? 28 TYR A N   1 
ATOM 240 C CA  . TYR A 1 28 ? 1.864   -7.607  7.496   1.00 16.93  ? 28 TYR A CA  1 
ATOM 241 C C   . TYR A 1 28 ? 0.553   -7.468  6.739   1.00 16.93  ? 28 TYR A C   1 
ATOM 242 O O   . TYR A 1 28 ? -0.518  -7.504  7.329   1.00 29.56  ? 28 TYR A O   1 
ATOM 243 C CB  . TYR A 1 28 ? 2.480   -6.268  7.749   1.00 29.56  ? 28 TYR A CB  1 
ATOM 244 C CG  . TYR A 1 28 ? 3.306   -6.340  8.969   1.00 29.56  ? 28 TYR A CG  1 
ATOM 245 C CD1 . TYR A 1 28 ? 2.695   -6.426  10.212  1.00 29.56  ? 28 TYR A CD1 1 
ATOM 246 C CD2 . TYR A 1 28 ? 4.695   -6.391  8.898   1.00 29.56  ? 28 TYR A CD2 1 
ATOM 247 C CE1 . TYR A 1 28 ? 3.435   -6.568  11.362  1.00 29.56  ? 28 TYR A CE1 1 
ATOM 248 C CE2 . TYR A 1 28 ? 5.471   -6.534  10.061  1.00 29.56  ? 28 TYR A CE2 1 
ATOM 249 C CZ  . TYR A 1 28 ? 4.829   -6.627  11.298  1.00 29.56  ? 28 TYR A CZ  1 
ATOM 250 O OH  . TYR A 1 28 ? 5.543   -6.835  12.480  1.00 29.56  ? 28 TYR A OH  1 
ATOM 251 N N   . VAL A 1 29 ? 0.631   -7.339  5.427   1.00 12.14  ? 29 VAL A N   1 
ATOM 252 C CA  . VAL A 1 29 ? -0.577  -7.193  4.660   1.00 12.14  ? 29 VAL A CA  1 
ATOM 253 C C   . VAL A 1 29 ? -1.396  -8.438  4.789   1.00 12.14  ? 29 VAL A C   1 
ATOM 254 O O   . VAL A 1 29 ? -2.412  -8.429  5.487   1.00 10.85  ? 29 VAL A O   1 
ATOM 255 C CB  . VAL A 1 29 ? -0.295  -6.944  3.185   1.00 10.85  ? 29 VAL A CB  1 
ATOM 256 C CG1 . VAL A 1 29 ? -1.570  -6.990  2.394   1.00 10.85  ? 29 VAL A CG1 1 
ATOM 257 C CG2 . VAL A 1 29 ? 0.383   -5.624  3.022   1.00 10.85  ? 29 VAL A CG2 1 
ATOM 258 N N   . THR A 1 30 ? -0.916  -9.527  4.178   1.00 19.90  ? 30 THR A N   1 
ATOM 259 C CA  . THR A 1 30 ? -1.653  -10.792 4.208   1.00 19.90  ? 30 THR A CA  1 
ATOM 260 C C   . THR A 1 30 ? -2.009  -11.115 5.659   1.00 19.90  ? 30 THR A C   1 
ATOM 261 O O   . THR A 1 30 ? -3.105  -11.543 5.972   1.00 14.31  ? 30 THR A O   1 
ATOM 262 C CB  . THR A 1 30 ? -0.871  -12.000 3.597   1.00 14.31  ? 30 THR A CB  1 
ATOM 263 O OG1 . THR A 1 30 ? 0.061   -12.428 4.551   1.00 14.31  ? 30 THR A OG1 1 
ATOM 264 C CG2 . THR A 1 30 ? -0.123  -11.662 2.325   1.00 14.31  ? 30 THR A CG2 1 
ATOM 265 N N   . ALA A 1 31 ? -1.092  -10.838 6.555   1.00 2.00   ? 31 ALA A N   1 
ATOM 266 C CA  . ALA A 1 31 ? -1.379  -11.098 7.947   1.00 2.00   ? 31 ALA A CA  1 
ATOM 267 C C   . ALA A 1 31 ? -2.695  -10.475 8.364   1.00 2.00   ? 31 ALA A C   1 
ATOM 268 O O   . ALA A 1 31 ? -3.483  -11.083 9.093   1.00 33.85  ? 31 ALA A O   1 
ATOM 269 C CB  . ALA A 1 31 ? -0.277  -10.581 8.842   1.00 33.85  ? 31 ALA A CB  1 
ATOM 270 N N   . PHE A 1 32 ? -2.925  -9.244  7.925   1.00 20.66  ? 32 PHE A N   1 
ATOM 271 C CA  . PHE A 1 32 ? -4.151  -8.548  8.277   1.00 20.66  ? 32 PHE A CA  1 
ATOM 272 C C   . PHE A 1 32 ? -5.233  -8.778  7.281   1.00 20.66  ? 32 PHE A C   1 
ATOM 273 O O   . PHE A 1 32 ? -6.235  -8.096  7.240   1.00 29.88  ? 32 PHE A O   1 
ATOM 274 C CB  . PHE A 1 32 ? -3.869  -7.106  8.482   1.00 29.88  ? 32 PHE A CB  1 
ATOM 275 C CG  . PHE A 1 32 ? -2.954  -6.883  9.589   1.00 29.88  ? 32 PHE A CG  1 
ATOM 276 C CD1 . PHE A 1 32 ? -3.256  -7.383  10.827  1.00 29.88  ? 32 PHE A CD1 1 
ATOM 277 C CD2 . PHE A 1 32 ? -1.796  -6.161  9.415   1.00 29.88  ? 32 PHE A CD2 1 
ATOM 278 C CE1 . PHE A 1 32 ? -2.407  -7.158  11.911  1.00 29.88  ? 32 PHE A CE1 1 
ATOM 279 C CE2 . PHE A 1 32 ? -0.937  -5.927  10.475  1.00 29.88  ? 32 PHE A CE2 1 
ATOM 280 C CZ  . PHE A 1 32 ? -1.240  -6.425  11.735  1.00 29.88  ? 32 PHE A CZ  1 
ATOM 281 N N   . ASN A 1 33 ? -5.013  -9.806  6.498   1.00 25.61  ? 33 ASN A N   1 
ATOM 282 C CA  . ASN A 1 33 ? -5.972  -10.234 5.531   1.00 25.61  ? 33 ASN A CA  1 
ATOM 283 C C   . ASN A 1 33 ? -6.051  -9.333  4.374   1.00 25.61  ? 33 ASN A C   1 
ATOM 284 O O   . ASN A 1 33 ? -7.092  -9.158  3.763   1.00 45.91  ? 33 ASN A O   1 
ATOM 285 C CB  . ASN A 1 33 ? -7.323  -10.428 6.171   1.00 45.91  ? 33 ASN A CB  1 
ATOM 286 C CG  . ASN A 1 33 ? -8.144  -11.410 5.430   1.00 45.91  ? 33 ASN A CG  1 
ATOM 287 O OD1 . ASN A 1 33 ? -7.637  -12.199 4.629   1.00 45.91  ? 33 ASN A OD1 1 
ATOM 288 N ND2 . ASN A 1 33 ? -9.431  -11.366 5.662   1.00 45.91  ? 33 ASN A ND2 1 
ATOM 289 N N   . GLY A 1 34 ? -4.905  -8.773  4.062   1.00 24.91  ? 34 GLY A N   1 
ATOM 290 C CA  . GLY A 1 34 ? -4.851  -7.913  2.921   1.00 24.91  ? 34 GLY A CA  1 
ATOM 291 C C   . GLY A 1 34 ? -4.686  -8.787  1.695   1.00 24.91  ? 34 GLY A C   1 
ATOM 292 O O   . GLY A 1 34 ? -4.284  -9.950  1.797   1.00 22.53  ? 34 GLY A O   1 
ATOM 293 N N   . GLU A 1 35 ? -5.075  -8.224  0.553   1.00 18.37  ? 35 GLU A N   1 
ATOM 294 C CA  . GLU A 1 35 ? -4.966  -8.849  -0.751  1.00 18.37  ? 35 GLU A CA  1 
ATOM 295 C C   . GLU A 1 35 ? -3.716  -8.207  -1.348  1.00 18.37  ? 35 GLU A C   1 
ATOM 296 O O   . GLU A 1 35 ? -3.470  -7.007  -1.177  1.00 83.19  ? 35 GLU A O   1 
ATOM 297 C CB  . GLU A 1 35 ? -6.184  -8.510  -1.605  1.00 83.19  ? 35 GLU A CB  1 
ATOM 298 C CG  . GLU A 1 35 ? -6.645  -9.647  -2.481  1.00 83.19  ? 35 GLU A CG  1 
ATOM 299 C CD  . GLU A 1 35 ? -7.130  -10.825 -1.668  1.00 83.19  ? 35 GLU A CD  1 
ATOM 300 O OE1 . GLU A 1 35 ? -8.173  -10.687 -0.979  1.00 83.19  ? 35 GLU A OE1 1 
ATOM 301 O OE2 . GLU A 1 35 ? -6.458  -11.881 -1.715  1.00 83.19  ? 35 GLU A OE2 1 
ATOM 302 N N   . LEU A 1 36 ? -2.930  -9.011  -2.048  1.00 19.01  ? 36 LEU A N   1 
ATOM 303 C CA  . LEU A 1 36 ? -1.687  -8.537  -2.622  1.00 19.01  ? 36 LEU A CA  1 
ATOM 304 C C   . LEU A 1 36 ? -1.564  -8.832  -4.103  1.00 19.01  ? 36 LEU A C   1 
ATOM 305 O O   . LEU A 1 36 ? -1.611  -10.002 -4.530  1.00 38.20  ? 36 LEU A O   1 
ATOM 306 C CB  . LEU A 1 36 ? -0.543  -9.147  -1.850  1.00 38.20  ? 36 LEU A CB  1 
ATOM 307 C CG  . LEU A 1 36 ? 0.346   -8.061  -1.309  1.00 38.20  ? 36 LEU A CG  1 
ATOM 308 C CD1 . LEU A 1 36 ? 0.586   -8.226  0.174   1.00 38.20  ? 36 LEU A CD1 1 
ATOM 309 C CD2 . LEU A 1 36 ? 1.617   -8.116  -2.112  1.00 38.20  ? 36 LEU A CD2 1 
ATOM 310 N N   . GLU A 1 37 ? -1.381  -7.762  -4.875  1.00 5.67   ? 37 GLU A N   1 
ATOM 311 C CA  . GLU A 1 37 ? -1.285  -7.850  -6.335  1.00 5.67   ? 37 GLU A CA  1 
ATOM 312 C C   . GLU A 1 37 ? 0.132   -7.906  -6.848  1.00 5.67   ? 37 GLU A C   1 
ATOM 313 O O   . GLU A 1 37 ? 1.062   -7.358  -6.226  1.00 37.56  ? 37 GLU A O   1 
ATOM 314 C CB  . GLU A 1 37 ? -2.026  -6.693  -7.006  1.00 37.56  ? 37 GLU A CB  1 
ATOM 315 C CG  . GLU A 1 37 ? -3.506  -6.632  -6.672  1.00 37.56  ? 37 GLU A CG  1 
ATOM 316 C CD  . GLU A 1 37 ? -4.275  -7.807  -7.221  1.00 37.56  ? 37 GLU A CD  1 
ATOM 317 O OE1 . GLU A 1 37 ? -3.966  -8.250  -8.365  1.00 37.56  ? 37 GLU A OE1 1 
ATOM 318 O OE2 . GLU A 1 37 ? -5.190  -8.268  -6.496  1.00 37.56  ? 37 GLU A OE2 1 
ATOM 319 N N   . ASP A 1 38 ? 0.286   -8.576  -7.991  1.00 19.55  ? 38 ASP A N   1 
ATOM 320 C CA  . ASP A 1 38 ? 1.600   -8.774  -8.595  1.00 19.55  ? 38 ASP A CA  1 
ATOM 321 C C   . ASP A 1 38 ? 1.823   -7.856  -9.748  1.00 19.55  ? 38 ASP A C   1 
ATOM 322 O O   . ASP A 1 38 ? 2.847   -7.934  -10.415 1.00 91.87  ? 38 ASP A O   1 
ATOM 323 C CB  . ASP A 1 38 ? 1.756   -10.224 -9.023  1.00 91.87  ? 38 ASP A CB  1 
ATOM 324 C CG  . ASP A 1 38 ? 1.397   -11.186 -7.914  1.00 91.87  ? 38 ASP A CG  1 
ATOM 325 O OD1 . ASP A 1 38 ? 2.085   -11.169 -6.862  1.00 91.87  ? 38 ASP A OD1 1 
ATOM 326 O OD2 . ASP A 1 38 ? 0.403   -11.928 -8.084  1.00 91.87  ? 38 ASP A OD2 1 
ATOM 327 N N   . TYR A 1 39 ? 0.832   -7.007  -9.992  1.00 30.00  ? 39 TYR A N   1 
ATOM 328 C CA  . TYR A 1 39 ? 0.882   -6.005  -11.040 1.00 30.00  ? 39 TYR A CA  1 
ATOM 329 C C   . TYR A 1 39 ? -0.259  -5.027  -10.877 1.00 30.00  ? 39 TYR A C   1 
ATOM 330 O O   . TYR A 1 39 ? -1.328  -5.356  -10.353 1.00 68.68  ? 39 TYR A O   1 
ATOM 331 C CB  . TYR A 1 39 ? 0.898   -6.598  -12.443 1.00 68.68  ? 39 TYR A CB  1 
ATOM 332 C CG  . TYR A 1 39 ? -0.244  -7.508  -12.736 1.00 68.68  ? 39 TYR A CG  1 
ATOM 333 C CD1 . TYR A 1 39 ? -0.274  -8.792  -12.210 1.00 68.68  ? 39 TYR A CD1 1 
ATOM 334 C CD2 . TYR A 1 39 ? -1.273  -7.113  -13.583 1.00 68.68  ? 39 TYR A CD2 1 
ATOM 335 C CE1 . TYR A 1 39 ? -1.298  -9.676  -12.524 1.00 68.68  ? 39 TYR A CE1 1 
ATOM 336 C CE2 . TYR A 1 39 ? -2.310  -7.986  -13.909 1.00 68.68  ? 39 TYR A CE2 1 
ATOM 337 C CZ  . TYR A 1 39 ? -2.315  -9.277  -13.378 1.00 68.68  ? 39 TYR A CZ  1 
ATOM 338 O OH  . TYR A 1 39 ? -3.303  -10.189 -13.732 1.00 68.68  ? 39 TYR A OH  1 
ATOM 339 N N   . MET A 1 40 ? 0.041   -3.789  -11.249 1.00 47.77  ? 40 MET A N   1 
ATOM 340 C CA  . MET A 1 40 ? -0.886  -2.682  -11.185 1.00 47.77  ? 40 MET A CA  1 
ATOM 341 C C   . MET A 1 40 ? -2.008  -3.019  -12.157 1.00 47.77  ? 40 MET A C   1 
ATOM 342 O O   . MET A 1 40 ? -1.771  -3.277  -13.350 1.00 24.28  ? 40 MET A O   1 
ATOM 343 C CB  . MET A 1 40 ? -0.159  -1.436  -11.636 1.00 24.28  ? 40 MET A CB  1 
ATOM 344 C CG  . MET A 1 40 ? -0.787  -0.160  -11.273 1.00 24.28  ? 40 MET A CG  1 
ATOM 345 S SD  . MET A 1 40 ? -0.318  0.198   -9.681  1.00 24.28  ? 40 MET A SD  1 
ATOM 346 C CE  . MET A 1 40 ? -1.848  0.278   -9.062  1.00 24.28  ? 40 MET A CE  1 
ATOM 347 N N   . SER A 1 41 ? -3.217  -3.075  -11.607 1.00 38.19  ? 41 SER A N   1 
ATOM 348 C CA  . SER A 1 41 ? -4.445  -3.402  -12.322 1.00 38.19  ? 41 SER A CA  1 
ATOM 349 C C   . SER A 1 41 ? -5.575  -2.859  -11.465 1.00 38.19  ? 41 SER A C   1 
ATOM 350 O O   . SER A 1 41 ? -5.428  -2.655  -10.253 1.00 42.68  ? 41 SER A O   1 
ATOM 351 C CB  . SER A 1 41 ? -4.604  -4.917  -12.411 1.00 42.68  ? 41 SER A CB  1 
ATOM 352 O OG  . SER A 1 41 ? -4.706  -5.488  -11.106 1.00 42.68  ? 41 SER A OG  1 
ATOM 353 N N   . ASP A 1 42 ? -6.737  -2.738  -12.080 1.00 25.07  ? 42 ASP A N   1 
ATOM 354 C CA  . ASP A 1 42 ? -7.935  -2.226  -11.428 1.00 25.07  ? 42 ASP A CA  1 
ATOM 355 C C   . ASP A 1 42 ? -8.232  -2.757  -10.029 1.00 25.07  ? 42 ASP A C   1 
ATOM 356 O O   . ASP A 1 42 ? -8.862  -2.060  -9.238  1.00 74.09  ? 42 ASP A O   1 
ATOM 357 C CB  . ASP A 1 42 ? -9.111  -2.479  -12.345 1.00 74.09  ? 42 ASP A CB  1 
ATOM 358 C CG  . ASP A 1 42 ? -8.712  -2.400  -13.795 1.00 74.09  ? 42 ASP A CG  1 
ATOM 359 O OD1 . ASP A 1 42 ? -8.597  -1.273  -14.333 1.00 74.09  ? 42 ASP A OD1 1 
ATOM 360 O OD2 . ASP A 1 42 ? -8.435  -3.471  -14.374 1.00 74.09  ? 42 ASP A OD2 1 
ATOM 361 N N   . ARG A 1 43 ? -7.739  -3.946  -9.689  1.00 35.80  ? 43 ARG A N   1 
ATOM 362 C CA  . ARG A 1 43 ? -8.032  -4.500  -8.370  1.00 35.80  ? 43 ARG A CA  1 
ATOM 363 C C   . ARG A 1 43 ? -7.408  -3.682  -7.251  1.00 35.80  ? 43 ARG A C   1 
ATOM 364 O O   . ARG A 1 43 ? -7.949  -3.602  -6.141  1.00 75.34  ? 43 ARG A O   1 
ATOM 365 C CB  . ARG A 1 43 ? -7.536  -5.945  -8.265  1.00 75.34  ? 43 ARG A CB  1 
ATOM 366 C CG  . ARG A 1 43 ? -7.929  -6.846  -9.421  1.00 75.34  ? 43 ARG A CG  1 
ATOM 367 C CD  . ARG A 1 43 ? -7.443  -8.287  -9.239  1.00 75.34  ? 43 ARG A CD  1 
ATOM 368 N NE  . ARG A 1 43 ? -7.344  -8.967  -10.530 1.00 75.34  ? 43 ARG A NE  1 
ATOM 369 C CZ  . ARG A 1 43 ? -6.226  -9.501  -11.027 1.00 75.34  ? 43 ARG A CZ  1 
ATOM 370 N NH1 . ARG A 1 43 ? -5.087  -9.453  -10.340 1.00 75.34  ? 43 ARG A NH1 1 
ATOM 371 N NH2 . ARG A 1 43 ? -6.240  -10.055 -12.239 1.00 75.34  ? 43 ARG A NH2 1 
ATOM 372 N N   . VAL A 1 44 ? -6.323  -2.993  -7.595  1.00 10.35  ? 44 VAL A N   1 
ATOM 373 C CA  . VAL A 1 44 ? -5.551  -2.235  -6.627  1.00 10.35  ? 44 VAL A CA  1 
ATOM 374 C C   . VAL A 1 44 ? -6.209  -1.038  -5.961  1.00 10.35  ? 44 VAL A C   1 
ATOM 375 O O   . VAL A 1 44 ? -6.812  -0.212  -6.604  1.00 21.87  ? 44 VAL A O   1 
ATOM 376 C CB  . VAL A 1 44 ? -4.216  -1.823  -7.221  1.00 21.87  ? 44 VAL A CB  1 
ATOM 377 C CG1 . VAL A 1 44 ? -3.267  -1.404  -6.090  1.00 21.87  ? 44 VAL A CG1 1 
ATOM 378 C CG2 . VAL A 1 44 ? -3.641  -2.962  -8.036  1.00 21.87  ? 44 VAL A CG2 1 
ATOM 379 N N   . GLN A 1 45 ? -6.038  -0.920  -4.665  1.00 15.38  ? 45 GLN A N   1 
ATOM 380 C CA  . GLN A 1 45 ? -6.639  0.170   -3.969  1.00 15.38  ? 45 GLN A CA  1 
ATOM 381 C C   . GLN A 1 45 ? -5.565  0.946   -3.294  1.00 15.38  ? 45 GLN A C   1 
ATOM 382 O O   . GLN A 1 45 ? -5.758  2.113   -2.950  1.00 47.15  ? 45 GLN A O   1 
ATOM 383 C CB  . GLN A 1 45 ? -7.628  -0.367  -2.968  1.00 47.15  ? 45 GLN A CB  1 
ATOM 384 C CG  . GLN A 1 45 ? -8.797  -0.979  -3.655  1.00 47.15  ? 45 GLN A CG  1 
ATOM 385 C CD  . GLN A 1 45 ? -9.465  -2.011  -2.817  1.00 47.15  ? 45 GLN A CD  1 
ATOM 386 O OE1 . GLN A 1 45 ? -9.586  -3.164  -3.231  1.00 47.15  ? 45 GLN A OE1 1 
ATOM 387 N NE2 . GLN A 1 45 ? -9.916  -1.618  -1.626  1.00 47.15  ? 45 GLN A NE2 1 
ATOM 388 N N   . PHE A 1 46 ? -4.454  0.274   -3.029  1.00 22.77  ? 46 PHE A N   1 
ATOM 389 C CA  . PHE A 1 46 ? -3.330  0.936   -2.412  1.00 22.77  ? 46 PHE A CA  1 
ATOM 390 C C   . PHE A 1 46 ? -2.060  0.523   -3.003  1.00 22.77  ? 46 PHE A C   1 
ATOM 391 O O   . PHE A 1 46 ? -1.790  -0.651  -3.099  1.00 25.06  ? 46 PHE A O   1 
ATOM 392 C CB  . PHE A 1 46 ? -3.231  0.598   -0.989  1.00 25.06  ? 46 PHE A CB  1 
ATOM 393 C CG  . PHE A 1 46 ? -4.408  0.947   -0.264  1.00 25.06  ? 46 PHE A CG  1 
ATOM 394 C CD1 . PHE A 1 46 ? -5.522  0.151   -0.346  1.00 25.06  ? 46 PHE A CD1 1 
ATOM 395 C CD2 . PHE A 1 46 ? -4.415  2.050   0.546   1.00 25.06  ? 46 PHE A CD2 1 
ATOM 396 C CE1 . PHE A 1 46 ? -6.629  0.447   0.383   1.00 25.06  ? 46 PHE A CE1 1 
ATOM 397 C CE2 . PHE A 1 46 ? -5.514  2.365   1.284   1.00 25.06  ? 46 PHE A CE2 1 
ATOM 398 C CZ  . PHE A 1 46 ? -6.630  1.565   1.212   1.00 25.06  ? 46 PHE A CZ  1 
ATOM 399 N N   . VAL A 1 47 ? -1.281  1.501   -3.417  1.00 14.34  ? 47 VAL A N   1 
ATOM 400 C CA  . VAL A 1 47 ? 0.014   1.223   -3.956  1.00 14.34  ? 47 VAL A CA  1 
ATOM 401 C C   . VAL A 1 47 ? 0.996   1.554   -2.859  1.00 14.34  ? 47 VAL A C   1 
ATOM 402 O O   . VAL A 1 47 ? 1.027   2.674   -2.362  1.00 6.62   ? 47 VAL A O   1 
ATOM 403 C CB  . VAL A 1 47 ? 0.296   2.084   -5.115  1.00 6.62   ? 47 VAL A CB  1 
ATOM 404 C CG1 . VAL A 1 47 ? 1.758   1.973   -5.478  1.00 6.62   ? 47 VAL A CG1 1 
ATOM 405 C CG2 . VAL A 1 47 ? -0.568  1.647   -6.239  1.00 6.62   ? 47 VAL A CG2 1 
ATOM 406 N N   . ILE A 1 48 ? 1.739   0.565   -2.400  1.00 21.43  ? 48 ILE A N   1 
ATOM 407 C CA  . ILE A 1 48 ? 2.682   0.888   -1.383  1.00 21.43  ? 48 ILE A CA  1 
ATOM 408 C C   . ILE A 1 48 ? 3.980   1.185   -2.017  1.00 21.43  ? 48 ILE A C   1 
ATOM 409 O O   . ILE A 1 48 ? 4.446   0.458   -2.899  1.00 14.80  ? 48 ILE A O   1 
ATOM 410 C CB  . ILE A 1 48 ? 2.875   -0.176  -0.409  1.00 14.80  ? 48 ILE A CB  1 
ATOM 411 C CG1 . ILE A 1 48 ? 1.522   -0.625  0.099   1.00 14.80  ? 48 ILE A CG1 1 
ATOM 412 C CG2 . ILE A 1 48 ? 3.633   0.391   0.724   1.00 14.80  ? 48 ILE A CG2 1 
ATOM 413 C CD1 . ILE A 1 48 ? 0.647   0.539   0.522   1.00 14.80  ? 48 ILE A CD1 1 
ATOM 414 N N   . THR A 1 49 ? 4.504   2.344   -1.671  1.00 12.28  ? 49 THR A N   1 
ATOM 415 C CA  . THR A 1 49 ? 5.791   2.702   -2.199  1.00 12.28  ? 49 THR A CA  1 
ATOM 416 C C   . THR A 1 49 ? 6.636   3.522   -1.248  1.00 12.28  ? 49 THR A C   1 
ATOM 417 O O   . THR A 1 49 ? 6.138   4.329   -0.441  1.00 24.62  ? 49 THR A O   1 
ATOM 418 C CB  . THR A 1 49 ? 5.727   3.296   -3.579  1.00 24.62  ? 49 THR A CB  1 
ATOM 419 O OG1 . THR A 1 49 ? 7.004   3.125   -4.192  1.00 24.62  ? 49 THR A OG1 1 
ATOM 420 C CG2 . THR A 1 49 ? 5.411   4.727   -3.518  1.00 24.62  ? 49 THR A CG2 1 
ATOM 421 N N   . ALA A 1 50 ? 7.898   3.102   -1.210  1.00 49.81  ? 50 ALA A N   1 
ATOM 422 C CA  . ALA A 1 50 ? 8.903   3.714   -0.371  1.00 49.81  ? 50 ALA A CA  1 
ATOM 423 C C   . ALA A 1 50 ? 9.518   4.764   -1.244  1.00 49.81  ? 50 ALA A C   1 
ATOM 424 O O   . ALA A 1 50 ? 9.983   5.797   -0.762  1.00 44.08  ? 50 ALA A O   1 
ATOM 425 C CB  . ALA A 1 50 ? 9.923   2.700   0.014   1.00 44.08  ? 50 ALA A CB  1 
ATOM 426 N N   . GLN A 1 51 ? 9.506   4.474   -2.541  1.00 36.81  ? 51 GLN A N   1 
ATOM 427 C CA  . GLN A 1 51 ? 10.019  5.377   -3.542  1.00 36.81  ? 51 GLN A CA  1 
ATOM 428 C C   . GLN A 1 51 ? 9.209   6.659   -3.578  1.00 36.81  ? 51 GLN A C   1 
ATOM 429 O O   . GLN A 1 51 ? 8.320   6.891   -2.753  1.00 72.16  ? 51 GLN A O   1 
ATOM 430 C CB  . GLN A 1 51 ? 9.906   4.743   -4.902  1.00 72.16  ? 51 GLN A CB  1 
ATOM 431 C CG  . GLN A 1 51 ? 11.078  3.939   -5.322  1.00 72.16  ? 51 GLN A CG  1 
ATOM 432 C CD  . GLN A 1 51 ? 10.981  3.618   -6.801  1.00 72.16  ? 51 GLN A CD  1 
ATOM 433 O OE1 . GLN A 1 51 ? 11.520  2.602   -7.280  1.00 72.16  ? 51 GLN A OE1 1 
ATOM 434 N NE2 . GLN A 1 51 ? 10.267  4.479   -7.545  1.00 72.16  ? 51 GLN A NE2 1 
ATOM 435 N N   . GLU A 1 52 ? 9.483   7.460   -4.601  1.00 45.82  ? 52 GLU A N   1 
ATOM 436 C CA  . GLU A 1 52 ? 8.815   8.738   -4.783  1.00 45.82  ? 52 GLU A CA  1 
ATOM 437 C C   . GLU A 1 52 ? 7.838   8.750   -5.920  1.00 45.82  ? 52 GLU A C   1 
ATOM 438 O O   . GLU A 1 52 ? 7.863   7.872   -6.784  1.00 109.81 ? 52 GLU A O   1 
ATOM 439 C CB  . GLU A 1 52 ? 9.831   9.870   -4.953  1.00 109.81 ? 52 GLU A CB  1 
ATOM 440 C CG  . GLU A 1 52 ? 10.454  10.301  -3.638  1.00 109.81 ? 52 GLU A CG  1 
ATOM 441 C CD  . GLU A 1 52 ? 9.414   10.418  -2.525  1.00 109.81 ? 52 GLU A CD  1 
ATOM 442 O OE1 . GLU A 1 52 ? 8.727   11.461  -2.445  1.00 109.81 ? 52 GLU A OE1 1 
ATOM 443 O OE2 . GLU A 1 52 ? 9.265   9.455   -1.742  1.00 109.81 ? 52 GLU A OE2 1 
ATOM 444 N N   . TRP A 1 53 ? 6.998   9.780   -5.917  1.00 43.68  ? 53 TRP A N   1 
ATOM 445 C CA  . TRP A 1 53 ? 5.980   9.925   -6.926  1.00 43.68  ? 53 TRP A CA  1 
ATOM 446 C C   . TRP A 1 53 ? 6.473   9.580   -8.350  1.00 43.68  ? 53 TRP A C   1 
ATOM 447 O O   . TRP A 1 53 ? 7.524   10.047  -8.769  1.00 40.09  ? 53 TRP A O   1 
ATOM 448 C CB  . TRP A 1 53 ? 5.375   11.326  -6.864  1.00 40.09  ? 53 TRP A CB  1 
ATOM 449 C CG  . TRP A 1 53 ? 4.218   11.384  -7.774  1.00 40.09  ? 53 TRP A CG  1 
ATOM 450 C CD1 . TRP A 1 53 ? 4.247   11.606  -9.115  1.00 40.09  ? 53 TRP A CD1 1 
ATOM 451 C CD2 . TRP A 1 53 ? 2.884   11.013  -7.462  1.00 40.09  ? 53 TRP A CD2 1 
ATOM 452 N NE1 . TRP A 1 53 ? 3.021   11.366  -9.661  1.00 40.09  ? 53 TRP A NE1 1 
ATOM 453 C CE2 . TRP A 1 53 ? 2.164   10.999  -8.664  1.00 40.09  ? 53 TRP A CE2 1 
ATOM 454 C CE3 . TRP A 1 53 ? 2.229   10.676  -6.281  1.00 40.09  ? 53 TRP A CE3 1 
ATOM 455 C CZ2 . TRP A 1 53 ? 0.825   10.658  -8.722  1.00 40.09  ? 53 TRP A CZ2 1 
ATOM 456 C CZ3 . TRP A 1 53 ? 0.894   10.335  -6.338  1.00 40.09  ? 53 TRP A CZ3 1 
ATOM 457 C CH2 . TRP A 1 53 ? 0.208   10.329  -7.550  1.00 40.09  ? 53 TRP A CH2 1 
ATOM 458 N N   . ASP A 1 54 ? 5.721   8.764   -9.089  1.00 27.19  ? 54 ASP A N   1 
ATOM 459 C CA  . ASP A 1 54 ? 6.125   8.361   -10.440 1.00 27.19  ? 54 ASP A CA  1 
ATOM 460 C C   . ASP A 1 54 ? 5.053   8.662   -11.468 1.00 27.19  ? 54 ASP A C   1 
ATOM 461 O O   . ASP A 1 54 ? 3.865   8.454   -11.226 1.00 59.27  ? 54 ASP A O   1 
ATOM 462 C CB  . ASP A 1 54 ? 6.419   6.851   -10.469 1.00 59.27  ? 54 ASP A CB  1 
ATOM 463 C CG  . ASP A 1 54 ? 7.109   6.396   -11.749 1.00 59.27  ? 54 ASP A CG  1 
ATOM 464 O OD1 . ASP A 1 54 ? 6.545   6.530   -12.847 1.00 59.27  ? 54 ASP A OD1 1 
ATOM 465 O OD2 . ASP A 1 54 ? 8.240   5.886   -11.653 1.00 59.27  ? 54 ASP A OD2 1 
ATOM 466 N N   . PRO A 1 55 ? 5.461   9.186   -12.629 1.00 42.03  ? 55 PRO A N   1 
ATOM 467 C CA  . PRO A 1 55 ? 4.567   9.522   -13.742 1.00 42.03  ? 55 PRO A CA  1 
ATOM 468 C C   . PRO A 1 55 ? 3.573   8.400   -13.955 1.00 42.03  ? 55 PRO A C   1 
ATOM 469 O O   . PRO A 1 55 ? 2.420   8.641   -14.312 1.00 50.23  ? 55 PRO A O   1 
ATOM 470 C CB  . PRO A 1 55 ? 5.530   9.609   -14.910 1.00 50.23  ? 55 PRO A CB  1 
ATOM 471 C CG  . PRO A 1 55 ? 6.686   10.334  -14.273 1.00 50.23  ? 55 PRO A CG  1 
ATOM 472 C CD  . PRO A 1 55 ? 6.799   9.761   -12.849 1.00 50.23  ? 55 PRO A CD  1 
ATOM 473 N N   . SER A 1 56 ? 4.047   7.183   -13.671 1.00 34.52  ? 56 SER A N   1 
ATOM 474 C CA  . SER A 1 56 ? 3.287   5.935   -13.789 1.00 34.52  ? 56 SER A CA  1 
ATOM 475 C C   . SER A 1 56 ? 1.990   6.069   -13.041 1.00 34.52  ? 56 SER A C   1 
ATOM 476 O O   . SER A 1 56 ? 0.917   5.726   -13.542 1.00 55.30  ? 56 SER A O   1 
ATOM 477 C CB  . SER A 1 56 ? 4.083   4.774   -13.178 1.00 55.30  ? 56 SER A CB  1 
ATOM 478 O OG  . SER A 1 56 ? 5.328   4.594   -13.842 1.00 55.30  ? 56 SER A OG  1 
ATOM 479 N N   . PHE A 1 57 ? 2.104   6.613   -11.839 1.00 25.48  ? 57 PHE A N   1 
ATOM 480 C CA  . PHE A 1 57 ? 0.957   6.807   -10.972 1.00 25.48  ? 57 PHE A CA  1 
ATOM 481 C C   . PHE A 1 57 ? -0.168  7.494   -11.697 1.00 25.48  ? 57 PHE A C   1 
ATOM 482 O O   . PHE A 1 57 ? -1.249  6.931   -11.847 1.00 45.56  ? 57 PHE A O   1 
ATOM 483 C CB  . PHE A 1 57 ? 1.388   7.602   -9.762  1.00 45.56  ? 57 PHE A CB  1 
ATOM 484 C CG  . PHE A 1 57 ? 2.404   6.887   -8.925  1.00 45.56  ? 57 PHE A CG  1 
ATOM 485 C CD1 . PHE A 1 57 ? 2.713   5.556   -9.182  1.00 45.56  ? 57 PHE A CD1 1 
ATOM 486 C CD2 . PHE A 1 57 ? 2.991   7.505   -7.832  1.00 45.56  ? 57 PHE A CD2 1 
ATOM 487 C CE1 . PHE A 1 57 ? 3.575   4.860   -8.355  1.00 45.56  ? 57 PHE A CE1 1 
ATOM 488 C CE2 . PHE A 1 57 ? 3.859   6.808   -6.999  1.00 45.56  ? 57 PHE A CE2 1 
ATOM 489 C CZ  . PHE A 1 57 ? 4.148   5.487   -7.258  1.00 45.56  ? 57 PHE A CZ  1 
ATOM 490 N N   . GLU A 1 58 ? 0.152   8.654   -12.259 1.00 38.47  ? 58 GLU A N   1 
ATOM 491 C CA  . GLU A 1 58 ? -0.798  9.453   -12.999 1.00 38.47  ? 58 GLU A CA  1 
ATOM 492 C C   . GLU A 1 58 ? -1.597  8.628   -13.996 1.00 38.47  ? 58 GLU A C   1 
ATOM 493 O O   . GLU A 1 58 ? -2.810  8.502   -13.859 1.00 72.87  ? 58 GLU A O   1 
ATOM 494 C CB  . GLU A 1 58 ? -0.060  10.578  -13.703 1.00 72.87  ? 58 GLU A CB  1 
ATOM 495 C CG  . GLU A 1 58 ? 0.806   11.370  -12.746 1.00 72.87  ? 58 GLU A CG  1 
ATOM 496 C CD  . GLU A 1 58 ? 1.615   12.459  -13.427 1.00 72.87  ? 58 GLU A CD  1 
ATOM 497 O OE1 . GLU A 1 58 ? 1.259   12.838  -14.582 1.00 72.87  ? 58 GLU A OE1 1 
ATOM 498 O OE2 . GLU A 1 58 ? 2.600   12.940  -12.796 1.00 72.87  ? 58 GLU A OE2 1 
ATOM 499 N N   . GLU A 1 59 ? -0.922  7.992   -14.948 1.00 33.82  ? 59 GLU A N   1 
ATOM 500 C CA  . GLU A 1 59 ? -1.650  7.217   -15.959 1.00 33.82  ? 59 GLU A CA  1 
ATOM 501 C C   . GLU A 1 59 ? -2.458  6.117   -15.317 1.00 33.82  ? 59 GLU A C   1 
ATOM 502 O O   . GLU A 1 59 ? -3.560  5.783   -15.759 1.00 117.55 ? 59 GLU A O   1 
ATOM 503 C CB  . GLU A 1 59 ? -0.715  6.667   -17.047 1.00 117.55 ? 59 GLU A CB  1 
ATOM 504 C CG  . GLU A 1 59 ? 0.359   5.716   -16.553 1.00 117.55 ? 59 GLU A CG  1 
ATOM 505 C CD  . GLU A 1 59 ? 1.764   6.105   -17.015 1.00 117.55 ? 59 GLU A CD  1 
ATOM 506 O OE1 . GLU A 1 59 ? 2.075   7.323   -17.055 1.00 117.55 ? 59 GLU A OE1 1 
ATOM 507 O OE2 . GLU A 1 59 ? 2.568   5.185   -17.313 1.00 117.55 ? 59 GLU A OE2 1 
ATOM 508 N N   . ALA A 1 60 ? -1.924  5.605   -14.224 1.00 35.45  ? 60 ALA A N   1 
ATOM 509 C CA  . ALA A 1 60 ? -2.596  4.542   -13.516 1.00 35.45  ? 60 ALA A CA  1 
ATOM 510 C C   . ALA A 1 60 ? -3.806  5.153   -12.879 1.00 35.45  ? 60 ALA A C   1 
ATOM 511 O O   . ALA A 1 60 ? -4.881  4.556   -12.805 1.00 43.86  ? 60 ALA A O   1 
ATOM 512 C CB  . ALA A 1 60 ? -1.689  3.995   -12.457 1.00 43.86  ? 60 ALA A CB  1 
ATOM 513 N N   . LEU A 1 61 ? -3.590  6.378   -12.438 1.00 33.68  ? 61 LEU A N   1 
ATOM 514 C CA  . LEU A 1 61 ? -4.592  7.153   -11.773 1.00 33.68  ? 61 LEU A CA  1 
ATOM 515 C C   . LEU A 1 61 ? -5.703  7.502   -12.722 1.00 33.68  ? 61 LEU A C   1 
ATOM 516 O O   . LEU A 1 61 ? -6.887  7.294   -12.402 1.00 18.38  ? 61 LEU A O   1 
ATOM 517 C CB  . LEU A 1 61 ? -3.970  8.421   -11.249 1.00 18.38  ? 61 LEU A CB  1 
ATOM 518 C CG  . LEU A 1 61 ? -4.594  8.873   -9.969  1.00 18.38  ? 61 LEU A CG  1 
ATOM 519 C CD1 . LEU A 1 61 ? -5.508  7.829   -9.460  1.00 18.38  ? 61 LEU A CD1 1 
ATOM 520 C CD2 . LEU A 1 61 ? -3.515  9.166   -8.987  1.00 18.38  ? 61 LEU A CD2 1 
ATOM 521 N N   . MET A 1 62 ? -5.332  7.995   -13.903 1.00 46.79  ? 62 MET A N   1 
ATOM 522 C CA  . MET A 1 62 ? -6.340  8.390   -14.875 1.00 46.79  ? 62 MET A CA  1 
ATOM 523 C C   . MET A 1 62 ? -6.789  7.179   -15.659 1.00 46.79  ? 62 MET A C   1 
ATOM 524 O O   . MET A 1 62 ? -6.875  7.171   -16.886 1.00 88.49  ? 62 MET A O   1 
ATOM 525 C CB  . MET A 1 62 ? -5.862  9.576   -15.735 1.00 88.49  ? 62 MET A CB  1 
ATOM 526 C CG  . MET A 1 62 ? -4.768  9.296   -16.736 1.00 88.49  ? 62 MET A CG  1 
ATOM 527 S SD  . MET A 1 62 ? -5.494  9.173   -18.374 1.00 88.49  ? 62 MET A SD  1 
ATOM 528 C CE  . MET A 1 62 ? -4.771  7.617   -18.982 1.00 88.49  ? 62 MET A CE  1 
ATOM 529 N N   . ASP A 1 63 ? -7.164  6.171   -14.888 1.00 44.55  ? 63 ASP A N   1 
ATOM 530 C CA  . ASP A 1 63 ? -7.616  4.902   -15.420 1.00 44.55  ? 63 ASP A CA  1 
ATOM 531 C C   . ASP A 1 63 ? -8.290  4.164   -14.268 1.00 44.55  ? 63 ASP A C   1 
ATOM 532 O O   . ASP A 1 63 ? -9.105  3.246   -14.465 1.00 82.50  ? 63 ASP A O   1 
ATOM 533 C CB  . ASP A 1 63 ? -6.414  4.108   -15.893 1.00 82.50  ? 63 ASP A CB  1 
ATOM 534 C CG  . ASP A 1 63 ? -6.775  3.127   -16.943 1.00 82.50  ? 63 ASP A CG  1 
ATOM 535 O OD1 . ASP A 1 63 ? -7.715  2.333   -16.722 1.00 82.50  ? 63 ASP A OD1 1 
ATOM 536 O OD2 . ASP A 1 63 ? -6.132  3.175   -18.004 1.00 82.50  ? 63 ASP A OD2 1 
ATOM 537 N N   . ASN A 1 64 ? -7.888  4.555   -13.063 1.00 51.08  ? 64 ASN A N   1 
ATOM 538 C CA  . ASN A 1 64 ? -8.416  4.014   -11.821 1.00 51.08  ? 64 ASN A CA  1 
ATOM 539 C C   . ASN A 1 64 ? -8.108  4.995   -10.681 1.00 51.08  ? 64 ASN A C   1 
ATOM 540 O O   . ASN A 1 64 ? -7.135  4.850   -9.945  1.00 74.50  ? 64 ASN A O   1 
ATOM 541 C CB  . ASN A 1 64 ? -7.837  2.638   -11.514 1.00 74.50  ? 64 ASN A CB  1 
ATOM 542 C CG  . ASN A 1 64 ? -8.191  2.170   -10.114 1.00 74.50  ? 64 ASN A CG  1 
ATOM 543 O OD1 . ASN A 1 64 ? -7.391  1.505   -9.449  1.00 74.50  ? 64 ASN A OD1 1 
ATOM 544 N ND2 . ASN A 1 64 ? -9.379  2.561   -9.638  1.00 74.50  ? 64 ASN A ND2 1 
ATOM 545 N N   . PRO A 1 65 ? -8.953  6.017   -10.538 1.00 36.93  ? 65 PRO A N   1 
ATOM 546 C CA  . PRO A 1 65 ? -8.924  7.100   -9.562  1.00 36.93  ? 65 PRO A CA  1 
ATOM 547 C C   . PRO A 1 65 ? -8.945  6.748   -8.076  1.00 36.93  ? 65 PRO A C   1 
ATOM 548 O O   . PRO A 1 65 ? -8.417  7.498   -7.263  1.00 60.10  ? 65 PRO A O   1 
ATOM 549 C CB  . PRO A 1 65 ? -10.156 7.905   -9.946  1.00 60.10  ? 65 PRO A CB  1 
ATOM 550 C CG  . PRO A 1 65 ? -11.061 6.878   -10.563 1.00 60.10  ? 65 PRO A CG  1 
ATOM 551 C CD  . PRO A 1 65 ? -10.098 6.192   -11.444 1.00 60.10  ? 65 PRO A CD  1 
ATOM 552 N N   . SER A 1 66 ? -9.573  5.646   -7.710  1.00 13.54  ? 66 SER A N   1 
ATOM 553 C CA  . SER A 1 66 ? -9.657  5.245   -6.298  1.00 13.54  ? 66 SER A CA  1 
ATOM 554 C C   . SER A 1 66 ? -8.311  5.056   -5.557  1.00 13.54  ? 66 SER A C   1 
ATOM 555 O O   . SER A 1 66 ? -8.254  5.029   -4.317  1.00 62.14  ? 66 SER A O   1 
ATOM 556 C CB  . SER A 1 66 ? -10.415 3.922   -6.239  1.00 62.14  ? 66 SER A CB  1 
ATOM 557 O OG  . SER A 1 66 ? -9.764  2.948   -7.058  1.00 62.14  ? 66 SER A OG  1 
ATOM 558 N N   . LEU A 1 67 ? -7.256  4.881   -6.353  1.00 13.08  ? 67 LEU A N   1 
ATOM 559 C CA  . LEU A 1 67 ? -5.909  4.637   -5.881  1.00 13.08  ? 67 LEU A CA  1 
ATOM 560 C C   . LEU A 1 67 ? -5.388  5.394   -4.726  1.00 13.08  ? 67 LEU A C   1 
ATOM 561 O O   . LEU A 1 67 ? -5.653  6.576   -4.609  1.00 18.53  ? 67 LEU A O   1 
ATOM 562 C CB  . LEU A 1 67 ? -4.938  4.832   -7.001  1.00 18.53  ? 67 LEU A CB  1 
ATOM 563 C CG  . LEU A 1 67 ? -4.966  3.531   -7.745  1.00 18.53  ? 67 LEU A CG  1 
ATOM 564 C CD1 . LEU A 1 67 ? -3.876  3.487   -8.777  1.00 18.53  ? 67 LEU A CD1 1 
ATOM 565 C CD2 . LEU A 1 67 ? -4.777  2.422   -6.709  1.00 18.53  ? 67 LEU A CD2 1 
ATOM 566 N N   . ALA A 1 68 ? -4.650  4.715   -3.853  1.00 6.69   ? 68 ALA A N   1 
ATOM 567 C CA  . ALA A 1 68 ? -4.019  5.379   -2.699  1.00 6.69   ? 68 ALA A CA  1 
ATOM 568 C C   . ALA A 1 68 ? -2.542  5.114   -2.915  1.00 6.69   ? 68 ALA A C   1 
ATOM 569 O O   . ALA A 1 68 ? -2.168  4.127   -3.577  1.00 39.98  ? 68 ALA A O   1 
ATOM 570 C CB  . ALA A 1 68 ? -4.480  4.782   -1.395  1.00 39.98  ? 68 ALA A CB  1 
ATOM 571 N N   . PHE A 1 69 ? -1.702  6.054   -2.520  1.00 17.16  ? 69 PHE A N   1 
ATOM 572 C CA  . PHE A 1 69 ? -0.282  5.842   -2.694  1.00 17.16  ? 69 PHE A CA  1 
ATOM 573 C C   . PHE A 1 69 ? 0.232   6.104   -1.356  1.00 17.16  ? 69 PHE A C   1 
ATOM 574 O O   . PHE A 1 69 ? 0.413   7.252   -0.950  1.00 25.33  ? 69 PHE A O   1 
ATOM 575 C CB  . PHE A 1 69 ? 0.293   6.798   -3.663  1.00 25.33  ? 69 PHE A CB  1 
ATOM 576 C CG  . PHE A 1 69 ? -0.210  6.593   -4.997  1.00 25.33  ? 69 PHE A CG  1 
ATOM 577 C CD1 . PHE A 1 69 ? -1.369  7.206   -5.403  1.00 25.33  ? 69 PHE A CD1 1 
ATOM 578 C CD2 . PHE A 1 69 ? 0.457   5.768   -5.867  1.00 25.33  ? 69 PHE A CD2 1 
ATOM 579 C CE1 . PHE A 1 69 ? -1.858  6.996   -6.676  1.00 25.33  ? 69 PHE A CE1 1 
ATOM 580 C CE2 . PHE A 1 69 ? -0.023  5.552   -7.149  1.00 25.33  ? 69 PHE A CE2 1 
ATOM 581 C CZ  . PHE A 1 69 ? -1.180  6.166   -7.558  1.00 25.33  ? 69 PHE A CZ  1 
ATOM 582 N N   . VAL A 1 70 ? 0.398   5.018   -0.634  1.00 12.04  ? 70 VAL A N   1 
ATOM 583 C CA  . VAL A 1 70 ? 0.830   5.111   0.717   1.00 12.04  ? 70 VAL A CA  1 
ATOM 584 C C   . VAL A 1 70 ? 2.219   4.580   0.845   1.00 12.04  ? 70 VAL A C   1 
ATOM 585 O O   . VAL A 1 70 ? 2.693   3.838   -0.017  1.00 17.01  ? 70 VAL A O   1 
ATOM 586 C CB  . VAL A 1 70 ? -0.106  4.304   1.574   1.00 17.01  ? 70 VAL A CB  1 
ATOM 587 C CG1 . VAL A 1 70 ? -0.225  4.932   2.918   1.00 17.01  ? 70 VAL A CG1 1 
ATOM 588 C CG2 . VAL A 1 70 ? -1.459  4.226   0.902   1.00 17.01  ? 70 VAL A CG2 1 
ATOM 589 N N   . ARG A 1 71 ? 2.924   5.093   1.841   1.00 18.75  ? 71 ARG A N   1 
ATOM 590 C CA  . ARG A 1 71 ? 4.239   4.593   2.097   1.00 18.75  ? 71 ARG A CA  1 
ATOM 591 C C   . ARG A 1 71 ? 4.151   3.595   3.238   1.00 18.75  ? 71 ARG A C   1 
ATOM 592 O O   . ARG A 1 71 ? 3.327   3.712   4.151   1.00 51.53  ? 71 ARG A O   1 
ATOM 593 C CB  . ARG A 1 71 ? 5.279   5.679   2.334   1.00 51.53  ? 71 ARG A CB  1 
ATOM 594 C CG  . ARG A 1 71 ? 4.905   6.921   3.125   1.00 51.53  ? 71 ARG A CG  1 
ATOM 595 C CD  . ARG A 1 71 ? 6.000   7.948   2.834   1.00 51.53  ? 71 ARG A CD  1 
ATOM 596 N NE  . ARG A 1 71 ? 6.615   7.588   1.538   1.00 51.53  ? 71 ARG A NE  1 
ATOM 597 C CZ  . ARG A 1 71 ? 7.017   8.431   0.584   1.00 51.53  ? 71 ARG A CZ  1 
ATOM 598 N NH1 . ARG A 1 71 ? 6.903   9.756   0.752   1.00 51.53  ? 71 ARG A NH1 1 
ATOM 599 N NH2 . ARG A 1 71 ? 7.446   7.937   -0.583  1.00 51.53  ? 71 ARG A NH2 1 
ATOM 600 N N   . PRO A 1 72 ? 4.958   2.533   3.129   1.00 13.45  ? 72 PRO A N   1 
ATOM 601 C CA  . PRO A 1 72 ? 5.075   1.427   4.059   1.00 13.45  ? 72 PRO A CA  1 
ATOM 602 C C   . PRO A 1 72 ? 4.786   1.786   5.472   1.00 13.45  ? 72 PRO A C   1 
ATOM 603 O O   . PRO A 1 72 ? 3.996   1.107   6.121   1.00 22.13  ? 72 PRO A O   1 
ATOM 604 C CB  . PRO A 1 72 ? 6.510   0.974   3.861   1.00 22.13  ? 72 PRO A CB  1 
ATOM 605 C CG  . PRO A 1 72 ? 7.136   2.045   2.941   1.00 22.13  ? 72 PRO A CG  1 
ATOM 606 C CD  . PRO A 1 72 ? 6.002   2.428   2.100   1.00 22.13  ? 72 PRO A CD  1 
ATOM 607 N N   . ARG A 1 73 ? 5.333   2.908   5.917   1.00 6.10   ? 73 ARG A N   1 
ATOM 608 C CA  . ARG A 1 73 ? 5.141   3.329   7.317   1.00 6.10   ? 73 ARG A CA  1 
ATOM 609 C C   . ARG A 1 73 ? 3.711   3.113   7.821   1.00 6.10   ? 73 ARG A C   1 
ATOM 610 O O   . ARG A 1 73 ? 3.491   2.709   8.952   1.00 99.15  ? 73 ARG A O   1 
ATOM 611 C CB  . ARG A 1 73 ? 5.605   4.775   7.512   1.00 99.15  ? 73 ARG A CB  1 
ATOM 612 C CG  . ARG A 1 73 ? 5.674   5.243   8.967   1.00 99.15  ? 73 ARG A CG  1 
ATOM 613 C CD  . ARG A 1 73 ? 6.632   4.413   9.840   1.00 99.15  ? 73 ARG A CD  1 
ATOM 614 N NE  . ARG A 1 73 ? 7.209   5.210   10.938  1.00 99.15  ? 73 ARG A NE  1 
ATOM 615 C CZ  . ARG A 1 73 ? 8.055   4.754   11.871  1.00 99.15  ? 73 ARG A CZ  1 
ATOM 616 N NH1 . ARG A 1 73 ? 8.438   3.474   11.875  1.00 99.15  ? 73 ARG A NH1 1 
ATOM 617 N NH2 . ARG A 1 73 ? 8.578   5.595   12.771  1.00 99.15  ? 73 ARG A NH2 1 
ATOM 618 N N   . TRP A 1 74 ? 2.784   3.218   6.890   1.00 34.55  ? 74 TRP A N   1 
ATOM 619 C CA  . TRP A 1 74 ? 1.386   3.051   7.168   1.00 34.55  ? 74 TRP A CA  1 
ATOM 620 C C   . TRP A 1 74 ? 1.173   1.649   7.646   1.00 34.55  ? 74 TRP A C   1 
ATOM 621 O O   . TRP A 1 74 ? 0.774   1.422   8.788   1.00 8.84   ? 74 TRP A O   1 
ATOM 622 C CB  . TRP A 1 74 ? 0.590   3.275   5.879   1.00 8.84   ? 74 TRP A CB  1 
ATOM 623 C CG  . TRP A 1 74 ? -0.900  3.087   6.011   1.00 8.84   ? 74 TRP A CG  1 
ATOM 624 C CD1 . TRP A 1 74 ? -1.686  3.438   7.084   1.00 8.84   ? 74 TRP A CD1 1 
ATOM 625 C CD2 . TRP A 1 74 ? -1.759  2.411   5.093   1.00 8.84   ? 74 TRP A CD2 1 
ATOM 626 N NE1 . TRP A 1 74 ? -2.974  2.993   6.894   1.00 8.84   ? 74 TRP A NE1 1 
ATOM 627 C CE2 . TRP A 1 74 ? -3.048  2.354   5.687   1.00 8.84   ? 74 TRP A CE2 1 
ATOM 628 C CE3 . TRP A 1 74 ? -1.566  1.843   3.840   1.00 8.84   ? 74 TRP A CE3 1 
ATOM 629 C CZ2 . TRP A 1 74 ? -4.128  1.749   5.077   1.00 8.84   ? 74 TRP A CZ2 1 
ATOM 630 C CZ3 . TRP A 1 74 ? -2.644  1.241   3.227   1.00 8.84   ? 74 TRP A CZ3 1 
ATOM 631 C CH2 . TRP A 1 74 ? -3.914  1.196   3.851   1.00 8.84   ? 74 TRP A CH2 1 
ATOM 632 N N   . ILE A 1 75 ? 1.467   0.707   6.755   1.00 16.87  ? 75 ILE A N   1 
ATOM 633 C CA  . ILE A 1 75 ? 1.300   -0.702  7.022   1.00 16.87  ? 75 ILE A CA  1 
ATOM 634 C C   . ILE A 1 75 ? 1.900   -1.143  8.342   1.00 16.87  ? 75 ILE A C   1 
ATOM 635 O O   . ILE A 1 75 ? 1.333   -1.998  9.021   1.00 11.07  ? 75 ILE A O   1 
ATOM 636 C CB  . ILE A 1 75 ? 1.810   -1.481  5.884   1.00 11.07  ? 75 ILE A CB  1 
ATOM 637 C CG1 . ILE A 1 75 ? 0.733   -1.487  4.812   1.00 11.07  ? 75 ILE A CG1 1 
ATOM 638 C CG2 . ILE A 1 75 ? 2.055   -2.859  6.293   1.00 11.07  ? 75 ILE A CG2 1 
ATOM 639 C CD1 . ILE A 1 75 ? 1.275   -1.456  3.376   1.00 11.07  ? 75 ILE A CD1 1 
ATOM 640 N N   . TYR A 1 76 ? 3.010   -0.509  8.725   1.00 11.09  ? 76 TYR A N   1 
ATOM 641 C CA  . TYR A 1 76 ? 3.667   -0.785  9.992   1.00 11.09  ? 76 TYR A CA  1 
ATOM 642 C C   . TYR A 1 76 ? 2.781   -0.248  11.080  1.00 11.09  ? 76 TYR A C   1 
ATOM 643 O O   . TYR A 1 76 ? 1.968   -0.987  11.632  1.00 32.39  ? 76 TYR A O   1 
ATOM 644 C CB  . TYR A 1 76 ? 5.033   -0.151  10.018  1.00 32.39  ? 76 TYR A CB  1 
ATOM 645 C CG  . TYR A 1 76 ? 5.877   -0.735  8.929   1.00 32.39  ? 76 TYR A CG  1 
ATOM 646 C CD1 . TYR A 1 76 ? 5.574   -1.991  8.399   1.00 32.39  ? 76 TYR A CD1 1 
ATOM 647 C CD2 . TYR A 1 76 ? 6.961   -0.051  8.408   1.00 32.39  ? 76 TYR A CD2 1 
ATOM 648 C CE1 . TYR A 1 76 ? 6.332   -2.545  7.372   1.00 32.39  ? 76 TYR A CE1 1 
ATOM 649 C CE2 . TYR A 1 76 ? 7.736   -0.598  7.378   1.00 32.39  ? 76 TYR A CE2 1 
ATOM 650 C CZ  . TYR A 1 76 ? 7.412   -1.842  6.865   1.00 32.39  ? 76 TYR A CZ  1 
ATOM 651 O OH  . TYR A 1 76 ? 8.149   -2.378  5.830   1.00 32.39  ? 76 TYR A OH  1 
ATOM 652 N N   . SER A 1 77 ? 2.843   1.060   11.298  1.00 27.00  ? 77 SER A N   1 
ATOM 653 C CA  . SER A 1 77 ? 2.026   1.748   12.328  1.00 27.00  ? 77 SER A CA  1 
ATOM 654 C C   . SER A 1 77 ? 0.618   1.179   12.473  1.00 27.00  ? 77 SER A C   1 
ATOM 655 O O   . SER A 1 77 ? 0.034   1.170   13.558  1.00 33.16  ? 77 SER A O   1 
ATOM 656 C CB  . SER A 1 77 ? 1.946   3.241   12.008  1.00 33.16  ? 77 SER A CB  1 
ATOM 657 O OG  . SER A 1 77 ? 1.954   3.397   10.598  1.00 33.16  ? 77 SER A OG  1 
ATOM 658 N N   . CYS A 1 78 ? 0.095   0.695   11.356  1.00 31.16  ? 78 CYS A N   1 
ATOM 659 C CA  . CYS A 1 78 ? -1.218  0.088   11.322  1.00 31.16  ? 78 CYS A CA  1 
ATOM 660 C C   . CYS A 1 78 ? -1.175  -1.081  12.309  1.00 31.16  ? 78 CYS A C   1 
ATOM 661 O O   . CYS A 1 78 ? -1.942  -1.140  13.288  1.00 39.08  ? 78 CYS A O   1 
ATOM 662 C CB  . CYS A 1 78 ? -1.482  -0.418  9.913   1.00 39.08  ? 78 CYS A CB  1 
ATOM 663 S SG  . CYS A 1 78 ? -2.879  0.341   9.175   1.00 39.08  ? 78 CYS A SG  1 
ATOM 664 N N   . ASN A 1 79 ? -0.229  -1.979  12.057  1.00 46.74  ? 79 ASN A N   1 
ATOM 665 C CA  . ASN A 1 79 ? -0.013  -3.133  12.908  1.00 46.74  ? 79 ASN A CA  1 
ATOM 666 C C   . ASN A 1 79 ? 0.416   -2.669  14.312  1.00 46.74  ? 79 ASN A C   1 
ATOM 667 O O   . ASN A 1 79 ? -0.145  -3.078  15.344  1.00 50.50  ? 79 ASN A O   1 
ATOM 668 C CB  . ASN A 1 79 ? 1.063   -4.014  12.266  1.00 50.50  ? 79 ASN A CB  1 
ATOM 669 C CG  . ASN A 1 79 ? 1.887   -4.757  13.279  1.00 50.50  ? 79 ASN A CG  1 
ATOM 670 O OD1 . ASN A 1 79 ? 3.085   -4.496  13.400  1.00 50.50  ? 79 ASN A OD1 1 
ATOM 671 N ND2 . ASN A 1 79 ? 1.259   -5.672  14.032  1.00 50.50  ? 79 ASN A ND2 1 
ATOM 672 N N   . GLU A 1 80 ? 1.399   -1.774  14.310  1.00 20.61  ? 80 GLU A N   1 
ATOM 673 C CA  . GLU A 1 80 ? 1.973   -1.198  15.510  1.00 20.61  ? 80 GLU A CA  1 
ATOM 674 C C   . GLU A 1 80 ? 0.926   -0.587  16.483  1.00 20.61  ? 80 GLU A C   1 
ATOM 675 O O   . GLU A 1 80 ? 1.269   -0.151  17.585  1.00 79.08  ? 80 GLU A O   1 
ATOM 676 C CB  . GLU A 1 80 ? 2.999   -0.181  15.058  1.00 79.08  ? 80 GLU A CB  1 
ATOM 677 C CG  . GLU A 1 80 ? 4.291   -0.294  15.751  1.00 79.08  ? 80 GLU A CG  1 
ATOM 678 C CD  . GLU A 1 80 ? 4.519   0.908   16.615  1.00 79.08  ? 80 GLU A CD  1 
ATOM 679 O OE1 . GLU A 1 80 ? 4.002   0.937   17.759  1.00 79.08  ? 80 GLU A OE1 1 
ATOM 680 O OE2 . GLU A 1 80 ? 5.179   1.852   16.126  1.00 79.08  ? 80 GLU A OE2 1 
ATOM 681 N N   . LYS A 1 81 ? -0.354  -0.630  16.083  1.00 41.61  ? 81 LYS A N   1 
ATOM 682 C CA  . LYS A 1 81 ? -1.486  -0.096  16.859  1.00 41.61  ? 81 LYS A CA  1 
ATOM 683 C C   . LYS A 1 81 ? -2.629  -1.073  16.844  1.00 41.61  ? 81 LYS A C   1 
ATOM 684 O O   . LYS A 1 81 ? -3.612  -0.911  17.579  1.00 91.25  ? 81 LYS A O   1 
ATOM 685 C CB  . LYS A 1 81 ? -2.047  1.165   16.208  1.00 91.25  ? 81 LYS A CB  1 
ATOM 686 C CG  . LYS A 1 81 ? -1.587  2.457   16.787  1.00 91.25  ? 81 LYS A CG  1 
ATOM 687 C CD  . LYS A 1 81 ? -0.098  2.609   16.609  1.00 91.25  ? 81 LYS A CD  1 
ATOM 688 C CE  . LYS A 1 81 ? 0.300   4.073   16.455  1.00 91.25  ? 81 LYS A CE  1 
ATOM 689 N NZ  . LYS A 1 81 ? -0.186  4.950   17.569  1.00 91.25  ? 81 LYS A NZ  1 
ATOM 690 N N   . GLN A 1 82 ? -2.543  -2.019  15.913  1.00 53.09  ? 82 GLN A N   1 
ATOM 691 C CA  . GLN A 1 82 ? -3.586  -3.020  15.725  1.00 53.09  ? 82 GLN A CA  1 
ATOM 692 C C   . GLN A 1 82 ? -4.866  -2.248  15.413  1.00 53.09  ? 82 GLN A C   1 
ATOM 693 O O   . GLN A 1 82 ? -5.829  -2.260  16.188  1.00 88.02  ? 82 GLN A O   1 
ATOM 694 C CB  . GLN A 1 82 ? -3.768  -3.907  16.978  1.00 88.02  ? 82 GLN A CB  1 
ATOM 695 C CG  . GLN A 1 82 ? -2.558  -4.782  17.355  1.00 88.02  ? 82 GLN A CG  1 
ATOM 696 C CD  . GLN A 1 82 ? -2.322  -5.945  16.398  1.00 88.02  ? 82 GLN A CD  1 
ATOM 697 O OE1 . GLN A 1 82 ? -1.312  -5.993  15.693  1.00 88.02  ? 82 GLN A OE1 1 
ATOM 698 N NE2 . GLN A 1 82 ? -3.240  -6.903  16.397  1.00 88.02  ? 82 GLN A NE2 1 
ATOM 699 N N   . LYS A 1 83 ? -4.777  -1.441  14.360  1.00 41.59  ? 83 LYS A N   1 
ATOM 700 C CA  . LYS A 1 83 ? -5.902  -0.651  13.867  1.00 41.59  ? 83 LYS A CA  1 
ATOM 701 C C   . LYS A 1 83 ? -5.695  -0.069  12.452  1.00 41.59  ? 83 LYS A C   1 
ATOM 702 O O   . LYS A 1 83 ? -4.557  0.205   12.038  1.00 70.56  ? 83 LYS A O   1 
ATOM 703 C CB  . LYS A 1 83 ? -6.302  0.468   14.837  1.00 70.56  ? 83 LYS A CB  1 
ATOM 704 C CG  . LYS A 1 83 ? -7.648  1.073   14.409  1.00 70.56  ? 83 LYS A CG  1 
ATOM 705 C CD  . LYS A 1 83 ? -8.633  -0.065  13.940  1.00 70.56  ? 83 LYS A CD  1 
ATOM 706 C CE  . LYS A 1 83 ? -9.551  0.328   12.752  1.00 70.56  ? 83 LYS A CE  1 
ATOM 707 N NZ  . LYS A 1 83 ? -10.244 -0.844  12.089  1.00 70.56  ? 83 LYS A NZ  1 
ATOM 708 N N   . LEU A 1 84 ? -6.791  0.047   11.692  1.00 34.19  ? 84 LEU A N   1 
ATOM 709 C CA  . LEU A 1 84 ? -6.734  0.615   10.352  1.00 34.19  ? 84 LEU A CA  1 
ATOM 710 C C   . LEU A 1 84 ? -6.534  2.114   10.495  1.00 34.19  ? 84 LEU A C   1 
ATOM 711 O O   . LEU A 1 84 ? -7.383  2.823   11.037  1.00 32.28  ? 84 LEU A O   1 
ATOM 712 C CB  . LEU A 1 84 ? -8.013  0.359   9.580   1.00 32.28  ? 84 LEU A CB  1 
ATOM 713 C CG  . LEU A 1 84 ? -7.669  0.244   8.107   1.00 32.28  ? 84 LEU A CG  1 
ATOM 714 C CD1 . LEU A 1 84 ? -8.892  -0.093  7.312   1.00 32.28  ? 84 LEU A CD1 1 
ATOM 715 C CD2 . LEU A 1 84 ? -7.064  1.499   7.596   1.00 32.28  ? 84 LEU A CD2 1 
ATOM 716 N N   . LEU A 1 85 ? -5.377  2.583   10.054  1.00 16.12  ? 85 LEU A N   1 
ATOM 717 C CA  . LEU A 1 85 ? -5.058  3.989   10.114  1.00 16.12  ? 85 LEU A CA  1 
ATOM 718 C C   . LEU A 1 85 ? -5.304  4.617   8.772   1.00 16.12  ? 85 LEU A C   1 
ATOM 719 O O   . LEU A 1 85 ? -5.112  4.011   7.724   1.00 30.86  ? 85 LEU A O   1 
ATOM 720 C CB  . LEU A 1 85 ? -3.614  4.195   10.533  1.00 30.86  ? 85 LEU A CB  1 
ATOM 721 C CG  . LEU A 1 85 ? -3.344  3.836   11.995  1.00 30.86  ? 85 LEU A CG  1 
ATOM 722 C CD1 . LEU A 1 85 ? -2.039  4.494   12.418  1.00 30.86  ? 85 LEU A CD1 1 
ATOM 723 C CD2 . LEU A 1 85 ? -4.481  4.303   12.893  1.00 30.86  ? 85 LEU A CD2 1 
ATOM 724 N N   . PRO A 1 86 ? -5.729  5.866   8.786   1.00 41.19  ? 86 PRO A N   1 
ATOM 725 C CA  . PRO A 1 86 ? -5.999  6.549   7.522   1.00 41.19  ? 86 PRO A CA  1 
ATOM 726 C C   . PRO A 1 86 ? -4.699  6.660   6.765   1.00 41.19  ? 86 PRO A C   1 
ATOM 727 O O   . PRO A 1 86 ? -3.718  7.222   7.250   1.00 9.49   ? 86 PRO A O   1 
ATOM 728 C CB  . PRO A 1 86 ? -6.483  7.912   7.969   1.00 9.49   ? 86 PRO A CB  1 
ATOM 729 C CG  . PRO A 1 86 ? -6.803  7.732   9.501   1.00 9.49   ? 86 PRO A CG  1 
ATOM 730 C CD  . PRO A 1 86 ? -5.766  6.785   9.933   1.00 9.49   ? 86 PRO A CD  1 
ATOM 731 N N   . HIS A 1 87 ? -4.668  6.072   5.586   1.00 10.09  ? 87 HIS A N   1 
ATOM 732 C CA  . HIS A 1 87 ? -3.455  6.129   4.803   1.00 10.09  ? 87 HIS A CA  1 
ATOM 733 C C   . HIS A 1 87 ? -3.074  7.552   4.535   1.00 10.09  ? 87 HIS A C   1 
ATOM 734 O O   . HIS A 1 87 ? -1.921  7.840   4.249   1.00 28.44  ? 87 HIS A O   1 
ATOM 735 C CB  . HIS A 1 87 ? -3.651  5.464   3.480   1.00 28.44  ? 87 HIS A CB  1 
ATOM 736 C CG  . HIS A 1 87 ? -4.868  5.925   2.788   1.00 28.44  ? 87 HIS A CG  1 
ATOM 737 N ND1 . HIS A 1 87 ? -6.077  6.017   3.436   1.00 28.44  ? 87 HIS A ND1 1 
ATOM 738 C CD2 . HIS A 1 87 ? -5.100  6.239   1.498   1.00 28.44  ? 87 HIS A CD2 1 
ATOM 739 C CE1 . HIS A 1 87 ? -7.012  6.351   2.566   1.00 28.44  ? 87 HIS A CE1 1 
ATOM 740 N NE2 . HIS A 1 87 ? -6.444  6.489   1.381   1.00 28.44  ? 87 HIS A NE2 1 
ATOM 741 N N   . GLN A 1 88 ? -4.038  8.449   4.588   1.00 47.30  ? 88 GLN A N   1 
ATOM 742 C CA  . GLN A 1 88 ? -3.725  9.827   4.343   1.00 47.30  ? 88 GLN A CA  1 
ATOM 743 C C   . GLN A 1 88 ? -2.525  10.344  5.100   1.00 47.30  ? 88 GLN A C   1 
ATOM 744 O O   . GLN A 1 88 ? -1.687  11.016  4.511   1.00 33.04  ? 88 GLN A O   1 
ATOM 745 C CB  . GLN A 1 88 ? -4.930  10.663  4.635   1.00 33.04  ? 88 GLN A CB  1 
ATOM 746 C CG  . GLN A 1 88 ? -6.039  10.317  3.703   1.00 33.04  ? 88 GLN A CG  1 
ATOM 747 C CD  . GLN A 1 88 ? -7.157  9.655   4.401   1.00 33.04  ? 88 GLN A CD  1 
ATOM 748 O OE1 . GLN A 1 88 ? -7.282  9.752   5.603   1.00 33.04  ? 88 GLN A OE1 1 
ATOM 749 N NE2 . GLN A 1 88 ? -8.006  8.999   3.651   1.00 33.04  ? 88 GLN A NE2 1 
ATOM 750 N N   . LEU A 1 89 ? -2.388  9.955   6.368   1.00 17.17  ? 89 LEU A N   1 
ATOM 751 C CA  . LEU A 1 89 ? -1.264  10.431  7.162   1.00 17.17  ? 89 LEU A CA  1 
ATOM 752 C C   . LEU A 1 89 ? 0.040   9.964   6.576   1.00 17.17  ? 89 LEU A C   1 
ATOM 753 O O   . LEU A 1 89 ? 1.068   10.631  6.696   1.00 29.83  ? 89 LEU A O   1 
ATOM 754 C CB  . LEU A 1 89 ? -1.367  9.976   8.601   1.00 29.83  ? 89 LEU A CB  1 
ATOM 755 C CG  . LEU A 1 89 ? -2.682  10.407  9.229   1.00 29.83  ? 89 LEU A CG  1 
ATOM 756 C CD1 . LEU A 1 89 ? -3.447  9.189   9.620   1.00 29.83  ? 89 LEU A CD1 1 
ATOM 757 C CD2 . LEU A 1 89 ? -2.472  11.283  10.428  1.00 29.83  ? 89 LEU A CD2 1 
ATOM 758 N N   . TYR A 1 90 ? -0.021  8.866   5.838   1.00 13.34  ? 90 TYR A N   1 
ATOM 759 C CA  . TYR A 1 90 ? 1.177   8.269   5.256   1.00 13.34  ? 90 TYR A CA  1 
ATOM 760 C C   . TYR A 1 90 ? 1.096   8.341   3.754   1.00 13.34  ? 90 TYR A C   1 
ATOM 761 O O   . TYR A 1 90 ? 1.400   7.378   3.042   1.00 22.67  ? 90 TYR A O   1 
ATOM 762 C CB  . TYR A 1 90 ? 1.243   6.807   5.704   1.00 22.67  ? 90 TYR A CB  1 
ATOM 763 C CG  . TYR A 1 90 ? 1.060   6.649   7.197   1.00 22.67  ? 90 TYR A CG  1 
ATOM 764 C CD1 . TYR A 1 90 ? 2.128   6.840   8.077   1.00 22.67  ? 90 TYR A CD1 1 
ATOM 765 C CD2 . TYR A 1 90 ? -0.199  6.429   7.736   1.00 22.67  ? 90 TYR A CD2 1 
ATOM 766 C CE1 . TYR A 1 90 ? 1.950   6.832   9.469   1.00 22.67  ? 90 TYR A CE1 1 
ATOM 767 C CE2 . TYR A 1 90 ? -0.398  6.419   9.135   1.00 22.67  ? 90 TYR A CE2 1 
ATOM 768 C CZ  . TYR A 1 90 ? 0.681   6.629   10.003  1.00 22.67  ? 90 TYR A CZ  1 
ATOM 769 O OH  . TYR A 1 90 ? 0.466   6.696   11.387  1.00 22.67  ? 90 TYR A OH  1 
ATOM 770 N N   . GLY A 1 91 ? 0.744   9.502   3.243   1.00 2.00   ? 91 GLY A N   1 
ATOM 771 C CA  . GLY A 1 91 ? 0.569   9.564   1.803   1.00 2.00   ? 91 GLY A CA  1 
ATOM 772 C C   . GLY A 1 91 ? 1.753   9.896   0.952   1.00 2.00   ? 91 GLY A C   1 
ATOM 773 O O   . GLY A 1 91 ? 2.776   10.389  1.418   1.00 36.21  ? 91 GLY A O   1 
ATOM 774 N N   . VAL A 1 92 ? 1.570   9.680   -0.332  1.00 11.55  ? 92 VAL A N   1 
ATOM 775 C CA  . VAL A 1 92 ? 2.599   9.957   -1.307  1.00 11.55  ? 92 VAL A CA  1 
ATOM 776 C C   . VAL A 1 92 ? 1.961   10.822  -2.405  1.00 11.55  ? 92 VAL A C   1 
ATOM 777 O O   . VAL A 1 92 ? 1.095   10.352  -3.151  1.00 22.51  ? 92 VAL A O   1 
ATOM 778 C CB  . VAL A 1 92 ? 3.099   8.659   -1.919  1.00 22.51  ? 92 VAL A CB  1 
ATOM 779 C CG1 . VAL A 1 92 ? 3.953   8.928   -3.110  1.00 22.51  ? 92 VAL A CG1 1 
ATOM 780 C CG2 . VAL A 1 92 ? 3.844   7.883   -0.898  1.00 22.51  ? 92 VAL A CG2 1 
ATOM 781 N N   . VAL A 1 93 ? 2.372   12.090  -2.488  1.00 49.60  ? 93 VAL A N   1 
ATOM 782 C CA  . VAL A 1 93 ? 1.846   13.015  -3.491  1.00 49.60  ? 93 VAL A CA  1 
ATOM 783 C C   . VAL A 1 93 ? 2.990   13.498  -4.328  1.00 49.60  ? 93 VAL A C   1 
ATOM 784 O O   . VAL A 1 93 ? 4.124   13.523  -3.854  1.00 45.74  ? 93 VAL A O   1 
ATOM 785 C CB  . VAL A 1 93 ? 1.262   14.217  -2.825  1.00 45.74  ? 93 VAL A CB  1 
ATOM 786 C CG1 . VAL A 1 93 ? 0.051   13.807  -2.038  1.00 45.74  ? 93 VAL A CG1 1 
ATOM 787 C CG2 . VAL A 1 93 ? 2.283   14.820  -1.895  1.00 45.74  ? 93 VAL A CG2 1 
ATOM 788 N N   . PRO A 1 94 ? 2.739   13.838  -5.602  1.00 33.95  ? 94 PRO A N   1 
ATOM 789 C CA  . PRO A 1 94 ? 3.898   14.313  -6.359  1.00 33.95  ? 94 PRO A CA  1 
ATOM 790 C C   . PRO A 1 94 ? 4.168   15.605  -5.646  1.00 33.95  ? 94 PRO A C   1 
ATOM 791 O O   . PRO A 1 94 ? 3.223   16.201  -5.105  1.00 37.05  ? 94 PRO A O   1 
ATOM 792 C CB  . PRO A 1 94 ? 3.329   14.562  -7.751  1.00 37.05  ? 94 PRO A CB  1 
ATOM 793 C CG  . PRO A 1 94 ? 1.952   14.974  -7.475  1.00 37.05  ? 94 PRO A CG  1 
ATOM 794 C CD  . PRO A 1 94 ? 1.496   14.052  -6.358  1.00 37.05  ? 94 PRO A CD  1 
ATOM 795 N N   . GLN A 1 95 ? 5.436   15.929  -5.424  1.00 71.81  ? 95 GLN A N   1 
ATOM 796 C CA  . GLN A 1 95 ? 5.682   17.188  -4.753  1.00 71.81  ? 95 GLN A CA  1 
ATOM 797 C C   . GLN A 1 95 ? 5.725   18.231  -5.859  1.00 71.81  ? 95 GLN A C   1 
ATOM 798 O O   . GLN A 1 95 ? 6.605   18.207  -6.724  1.00 133.96 ? 95 GLN A O   1 
ATOM 799 C CB  . GLN A 1 95 ? 6.957   17.188  -3.912  1.00 133.96 ? 95 GLN A CB  1 
ATOM 800 C CG  . GLN A 1 95 ? 6.939   18.335  -2.881  1.00 133.96 ? 95 GLN A CG  1 
ATOM 801 C CD  . GLN A 1 95 ? 8.207   18.451  -2.028  1.00 133.96 ? 95 GLN A CD  1 
ATOM 802 O OE1 . GLN A 1 95 ? 9.121   17.623  -2.119  1.00 133.96 ? 95 GLN A OE1 1 
ATOM 803 N NE2 . GLN A 1 95 ? 8.258   19.490  -1.186  1.00 133.96 ? 95 GLN A NE2 1 
ATOM 804 N N   . ALA A 1 96 ? 4.668   19.040  -5.887  1.00 115.55 ? 96 ALA A N   1 
ATOM 805 C CA  . ALA A 1 96 ? 4.465   20.117  -6.858  1.00 115.55 ? 96 ALA A CA  1 
ATOM 806 C C   . ALA A 1 96 ? 3.046   20.710  -6.706  1.00 115.55 ? 96 ALA A C   1 
ATOM 807 O O   . ALA A 1 96 ? 2.352   20.458  -5.676  1.00 96.85  ? 96 ALA A O   1 
ATOM 808 C CB  . ALA A 1 96 ? 4.674   19.601  -8.301  1.00 96.85  ? 96 ALA A CB  1 
# 
